data_8B25
#
_entry.id   8B25
#
_cell.length_a   73.186
_cell.length_b   79.845
_cell.length_c   130.922
_cell.angle_alpha   90.000
_cell.angle_beta   90.000
_cell.angle_gamma   90.000
#
_symmetry.space_group_name_H-M   'P 21 21 21'
#
loop_
_entity.id
_entity.type
_entity.pdbx_description
1 polymer 'Dihydroprecondylocarpine acetate synthase 2'
2 non-polymer 'stemmadenine acetate'
3 non-polymer 1,2-ETHANEDIOL
4 non-polymer 'SULFATE ION'
5 non-polymer 'ZINC ION'
6 water water
#
_entity_poly.entity_id   1
_entity_poly.type   'polypeptide(L)'
_entity_poly.pdbx_seq_one_letter_code
;MAGKSPEEEHPVKAYGWAVKDRTTGILSPFKFSRRATGDNDIRIKILYCGICHTDLTSVKNEYEFLSYPLVPGMEIVGIA
TEVGSKVTKIKVGEKVAVAAYLGTCGKCYNCVNDLENYCPEVIIGYGTPYHDGTINYGGLSNETVVNERFVLRFPEKLSP
AGGAPLLSAGITAYSAMRNHGLDKPGIHLGVVGLGGLGHLAVKFAKAFGVRVTVISTTPSKKDEAINNLGADAFLFSRDD
KQMRAAIGTFDAIIDTLAVVHPIAPLLDLLRSHGKLVLVGAPSKPLELPTIPLLSGGKSLIGSAAGNVKQTQEMLDFAAE
HDITANIEVIPIDYINTAMERLDKGDIRFRFVVDIENTLTPPPEP
;
_entity_poly.pdbx_strand_id   A,B
#
# COMPACT_ATOMS: atom_id res chain seq x y z
N SER A 5 -43.85 -10.50 -0.06
CA SER A 5 -43.54 -11.78 0.61
C SER A 5 -42.36 -12.50 -0.05
N PRO A 6 -41.34 -12.87 0.75
CA PRO A 6 -40.22 -13.65 0.18
C PRO A 6 -40.65 -14.92 -0.55
N GLU A 7 -41.68 -15.65 -0.10
CA GLU A 7 -42.09 -16.84 -0.86
C GLU A 7 -42.92 -16.48 -2.10
N GLU A 8 -43.35 -15.21 -2.22
CA GLU A 8 -44.13 -14.73 -3.36
C GLU A 8 -43.35 -13.88 -4.35
N GLU A 9 -42.11 -13.46 -4.03
CA GLU A 9 -41.39 -12.54 -4.91
C GLU A 9 -40.97 -13.18 -6.24
N HIS A 10 -40.84 -14.47 -6.31
CA HIS A 10 -40.33 -15.12 -7.52
C HIS A 10 -41.15 -16.37 -7.79
N PRO A 11 -41.04 -16.98 -8.97
CA PRO A 11 -41.90 -18.15 -9.30
C PRO A 11 -41.49 -19.51 -8.71
N VAL A 12 -40.24 -19.76 -8.31
CA VAL A 12 -39.83 -21.10 -7.88
C VAL A 12 -39.55 -21.09 -6.39
N LYS A 13 -40.17 -22.03 -5.68
CA LYS A 13 -40.08 -22.03 -4.21
C LYS A 13 -38.66 -22.41 -3.80
N ALA A 14 -38.21 -21.90 -2.67
CA ALA A 14 -36.93 -22.38 -2.13
C ALA A 14 -36.95 -22.19 -0.63
N TYR A 15 -36.01 -22.82 0.05
CA TYR A 15 -35.98 -22.78 1.50
C TYR A 15 -34.54 -22.91 1.97
N GLY A 16 -34.28 -22.40 3.16
CA GLY A 16 -32.99 -22.58 3.79
C GLY A 16 -33.04 -22.12 5.22
N TRP A 17 -31.96 -21.54 5.75
CA TRP A 17 -31.93 -20.88 7.04
C TRP A 17 -31.48 -19.45 6.83
N ALA A 18 -32.01 -18.55 7.64
CA ALA A 18 -31.85 -17.14 7.45
C ALA A 18 -31.79 -16.48 8.81
N VAL A 19 -31.02 -15.41 8.92
CA VAL A 19 -31.13 -14.54 10.09
C VAL A 19 -32.33 -13.62 9.86
N LYS A 20 -33.43 -13.88 10.59
CA LYS A 20 -34.63 -13.04 10.47
C LYS A 20 -34.51 -11.74 11.27
N ASP A 21 -33.90 -11.78 12.47
CA ASP A 21 -33.76 -10.62 13.35
C ASP A 21 -32.28 -10.23 13.45
N ARG A 22 -31.89 -9.14 12.77
CA ARG A 22 -30.47 -8.81 12.69
C ARG A 22 -29.84 -8.58 14.06
N THR A 23 -30.62 -8.21 15.07
CA THR A 23 -30.06 -7.87 16.36
C THR A 23 -29.66 -9.11 17.20
N THR A 24 -30.17 -10.30 16.87
CA THR A 24 -29.76 -11.54 17.54
C THR A 24 -28.77 -12.37 16.73
N GLY A 25 -28.84 -12.33 15.40
CA GLY A 25 -27.92 -13.11 14.58
C GLY A 25 -28.22 -14.59 14.54
N ILE A 26 -29.40 -15.01 14.99
CA ILE A 26 -29.78 -16.42 15.05
C ILE A 26 -30.35 -16.81 13.71
N LEU A 27 -29.84 -17.89 13.11
CA LEU A 27 -30.46 -18.37 11.87
C LEU A 27 -31.56 -19.37 12.23
N SER A 28 -32.60 -19.39 11.41
CA SER A 28 -33.70 -20.33 11.63
C SER A 28 -34.28 -20.69 10.28
N PRO A 29 -35.09 -21.75 10.21
CA PRO A 29 -35.67 -22.16 8.92
C PRO A 29 -36.45 -21.01 8.26
N PHE A 30 -36.38 -20.99 6.94
CA PHE A 30 -36.81 -19.83 6.14
C PHE A 30 -37.22 -20.28 4.75
N LYS A 31 -38.45 -19.93 4.35
CA LYS A 31 -38.94 -20.19 2.99
C LYS A 31 -38.87 -18.89 2.19
N PHE A 32 -38.46 -19.01 0.94
CA PHE A 32 -38.44 -17.87 0.02
C PHE A 32 -38.64 -18.46 -1.39
N SER A 33 -38.18 -17.73 -2.40
CA SER A 33 -38.30 -18.19 -3.78
C SER A 33 -37.12 -17.68 -4.58
N ARG A 34 -36.90 -18.27 -5.73
CA ARG A 34 -35.82 -17.88 -6.60
C ARG A 34 -36.40 -17.58 -7.98
N ARG A 35 -35.74 -16.68 -8.71
CA ARG A 35 -36.21 -16.35 -10.04
C ARG A 35 -36.26 -17.60 -10.90
N ALA A 36 -37.01 -17.50 -12.00
CA ALA A 36 -37.02 -18.52 -13.03
C ALA A 36 -35.70 -18.53 -13.78
N THR A 37 -35.43 -19.64 -14.42
CA THR A 37 -34.21 -19.79 -15.20
C THR A 37 -34.26 -18.90 -16.44
N GLY A 38 -33.46 -17.84 -16.47
CA GLY A 38 -33.28 -17.11 -17.70
C GLY A 38 -32.42 -17.90 -18.68
N ASP A 39 -32.31 -17.32 -19.88
CA ASP A 39 -31.59 -17.99 -20.98
C ASP A 39 -30.14 -18.31 -20.63
N ASN A 40 -29.52 -17.51 -19.75
CA ASN A 40 -28.10 -17.74 -19.45
C ASN A 40 -27.87 -18.25 -18.03
N ASP A 41 -28.93 -18.70 -17.34
CA ASP A 41 -28.90 -19.08 -15.93
C ASP A 41 -28.69 -20.58 -15.77
N ILE A 42 -28.18 -20.94 -14.59
CA ILE A 42 -28.01 -22.34 -14.18
C ILE A 42 -28.65 -22.48 -12.81
N ARG A 43 -29.56 -23.44 -12.70
CA ARG A 43 -30.12 -23.80 -11.41
C ARG A 43 -29.19 -24.84 -10.81
N ILE A 44 -28.88 -24.66 -9.54
CA ILE A 44 -27.91 -25.50 -8.84
C ILE A 44 -28.58 -26.05 -7.59
N LYS A 45 -28.64 -27.39 -7.49
CA LYS A 45 -29.00 -28.06 -6.26
C LYS A 45 -27.77 -28.02 -5.36
N ILE A 46 -27.90 -27.43 -4.19
CA ILE A 46 -26.72 -27.20 -3.36
C ILE A 46 -26.37 -28.46 -2.55
N LEU A 47 -25.11 -28.90 -2.64
CA LEU A 47 -24.60 -30.02 -1.84
C LEU A 47 -23.93 -29.57 -0.54
N TYR A 48 -22.96 -28.68 -0.66
CA TYR A 48 -22.21 -28.19 0.48
C TYR A 48 -22.08 -26.67 0.38
N CYS A 49 -22.13 -26.02 1.52
CA CYS A 49 -21.78 -24.61 1.64
C CYS A 49 -20.74 -24.40 2.75
N GLY A 50 -19.56 -23.90 2.39
CA GLY A 50 -18.62 -23.45 3.40
C GLY A 50 -19.11 -22.22 4.14
N ILE A 51 -18.63 -22.09 5.39
CA ILE A 51 -18.88 -20.96 6.26
C ILE A 51 -17.56 -20.22 6.46
N CYS A 52 -17.56 -18.91 6.17
CA CYS A 52 -16.36 -18.10 6.34
C CYS A 52 -16.59 -17.03 7.38
N HIS A 53 -15.51 -16.35 7.73
CA HIS A 53 -15.57 -15.29 8.72
C HIS A 53 -16.45 -14.11 8.30
N THR A 54 -16.60 -13.89 6.99
CA THR A 54 -17.54 -12.85 6.56
C THR A 54 -19.00 -13.23 6.86
N ASP A 55 -19.38 -14.51 6.71
CA ASP A 55 -20.69 -14.96 7.19
C ASP A 55 -20.87 -14.61 8.67
N LEU A 56 -19.85 -14.86 9.49
CA LEU A 56 -19.94 -14.59 10.93
C LEU A 56 -20.08 -13.10 11.18
N THR A 57 -19.25 -12.29 10.50
CA THR A 57 -19.37 -10.85 10.64
C THR A 57 -20.77 -10.36 10.25
N SER A 58 -21.32 -10.92 9.17
CA SER A 58 -22.69 -10.61 8.76
C SER A 58 -23.68 -10.99 9.85
N VAL A 59 -23.60 -12.22 10.39
CA VAL A 59 -24.55 -12.59 11.43
C VAL A 59 -24.34 -11.79 12.72
N LYS A 60 -23.11 -11.30 12.99
CA LYS A 60 -22.92 -10.39 14.13
C LYS A 60 -23.44 -8.97 13.86
N ASN A 61 -24.17 -8.75 12.77
CA ASN A 61 -24.81 -7.46 12.54
C ASN A 61 -23.77 -6.35 12.44
N GLU A 62 -22.64 -6.65 11.82
CA GLU A 62 -21.57 -5.67 11.73
C GLU A 62 -21.48 -5.02 10.35
N TYR A 63 -22.34 -5.40 9.41
CA TYR A 63 -22.40 -4.79 8.08
C TYR A 63 -23.76 -4.12 7.94
N GLU A 64 -23.76 -2.78 8.07
CA GLU A 64 -25.02 -2.03 8.06
C GLU A 64 -25.80 -2.20 6.75
N PHE A 65 -25.12 -2.22 5.62
CA PHE A 65 -25.80 -2.19 4.31
C PHE A 65 -26.56 -3.48 3.94
N LEU A 66 -26.37 -4.61 4.64
CA LEU A 66 -27.06 -5.85 4.27
C LEU A 66 -28.53 -5.76 4.66
N SER A 67 -29.37 -6.42 3.85
CA SER A 67 -30.80 -6.58 4.10
C SER A 67 -31.17 -7.94 4.73
N TYR A 68 -32.19 -7.90 5.57
CA TYR A 68 -32.65 -9.06 6.30
C TYR A 68 -34.13 -9.28 6.00
N PRO A 69 -34.60 -10.55 5.98
CA PRO A 69 -33.87 -11.79 6.35
C PRO A 69 -32.62 -12.11 5.46
N LEU A 70 -31.54 -12.49 6.14
CA LEU A 70 -30.24 -12.68 5.50
C LEU A 70 -29.94 -14.17 5.40
N VAL A 71 -29.78 -14.68 4.18
CA VAL A 71 -29.31 -16.05 3.94
C VAL A 71 -27.84 -15.94 3.55
N PRO A 72 -26.89 -16.21 4.45
CA PRO A 72 -25.48 -16.10 4.12
C PRO A 72 -24.95 -17.40 3.50
N GLY A 73 -23.63 -17.55 3.42
CA GLY A 73 -23.04 -18.70 2.73
C GLY A 73 -22.66 -18.33 1.30
N MET A 74 -21.38 -18.36 0.99
CA MET A 74 -20.88 -17.93 -0.32
C MET A 74 -19.78 -18.85 -0.82
N GLU A 75 -19.75 -20.14 -0.37
CA GLU A 75 -18.79 -21.15 -0.78
C GLU A 75 -19.60 -22.38 -1.19
N ILE A 76 -20.22 -22.29 -2.37
CA ILE A 76 -21.26 -23.23 -2.79
C ILE A 76 -20.69 -24.25 -3.80
N VAL A 77 -20.86 -25.54 -3.49
CA VAL A 77 -20.64 -26.64 -4.43
C VAL A 77 -21.98 -27.34 -4.59
N GLY A 78 -22.37 -27.63 -5.82
CA GLY A 78 -23.67 -28.20 -6.07
C GLY A 78 -23.72 -28.96 -7.39
N ILE A 79 -24.95 -29.21 -7.83
CA ILE A 79 -25.26 -29.93 -9.08
C ILE A 79 -26.16 -29.06 -9.94
N ALA A 80 -25.82 -28.95 -11.23
CA ALA A 80 -26.67 -28.21 -12.16
C ALA A 80 -27.93 -29.03 -12.43
N THR A 81 -29.10 -28.53 -12.06
CA THR A 81 -30.32 -29.27 -12.34
C THR A 81 -31.08 -28.75 -13.54
N GLU A 82 -30.64 -27.64 -14.14
CA GLU A 82 -31.36 -26.93 -15.17
C GLU A 82 -30.48 -25.85 -15.78
N VAL A 83 -30.40 -25.75 -17.12
CA VAL A 83 -29.67 -24.68 -17.78
C VAL A 83 -30.57 -24.00 -18.81
N GLY A 84 -30.40 -22.66 -18.95
CA GLY A 84 -31.13 -21.89 -19.95
C GLY A 84 -30.66 -22.21 -21.36
N SER A 85 -31.52 -21.82 -22.34
CA SER A 85 -31.32 -22.20 -23.74
C SER A 85 -29.92 -21.85 -24.26
N LYS A 86 -29.30 -20.80 -23.72
CA LYS A 86 -28.03 -20.32 -24.24
C LYS A 86 -26.82 -20.83 -23.45
N VAL A 87 -27.02 -21.67 -22.42
CA VAL A 87 -25.88 -22.24 -21.71
C VAL A 87 -25.37 -23.41 -22.53
N THR A 88 -24.05 -23.45 -22.77
CA THR A 88 -23.49 -24.59 -23.49
C THR A 88 -22.29 -25.17 -22.76
N LYS A 89 -21.59 -24.39 -21.93
CA LYS A 89 -20.38 -24.90 -21.29
C LYS A 89 -20.68 -25.92 -20.17
N ILE A 90 -21.91 -25.93 -19.64
CA ILE A 90 -22.28 -26.75 -18.50
C ILE A 90 -23.53 -27.54 -18.88
N LYS A 91 -23.48 -28.86 -18.67
CA LYS A 91 -24.59 -29.75 -18.96
C LYS A 91 -25.32 -30.09 -17.67
N VAL A 92 -26.63 -30.31 -17.79
CA VAL A 92 -27.39 -30.78 -16.63
C VAL A 92 -26.74 -32.03 -15.99
N GLY A 93 -26.80 -32.10 -14.65
CA GLY A 93 -26.23 -33.18 -13.88
C GLY A 93 -24.77 -33.01 -13.48
N GLU A 94 -24.06 -32.04 -14.06
CA GLU A 94 -22.64 -31.84 -13.74
C GLU A 94 -22.46 -31.24 -12.35
N LYS A 95 -21.32 -31.57 -11.74
CA LYS A 95 -20.92 -30.90 -10.50
C LYS A 95 -20.36 -29.52 -10.83
N VAL A 96 -20.91 -28.51 -10.14
CA VAL A 96 -20.60 -27.11 -10.41
C VAL A 96 -20.27 -26.43 -9.07
N ALA A 97 -19.69 -25.24 -9.15
CA ALA A 97 -19.46 -24.42 -7.96
C ALA A 97 -19.67 -22.97 -8.33
N VAL A 98 -20.01 -22.15 -7.34
CA VAL A 98 -20.38 -20.76 -7.57
C VAL A 98 -19.28 -19.86 -7.05
N ALA A 99 -18.99 -18.82 -7.83
CA ALA A 99 -18.06 -17.78 -7.37
C ALA A 99 -18.67 -17.05 -6.17
N ALA A 100 -17.78 -16.39 -5.46
CA ALA A 100 -18.20 -15.64 -4.29
C ALA A 100 -18.86 -14.28 -4.66
N TYR A 101 -19.21 -14.08 -5.93
CA TYR A 101 -20.04 -12.95 -6.33
C TYR A 101 -20.89 -13.42 -7.50
N LEU A 102 -22.01 -12.70 -7.72
CA LEU A 102 -23.09 -13.15 -8.58
C LEU A 102 -23.29 -12.33 -9.84
N GLY A 103 -22.64 -11.19 -9.98
CA GLY A 103 -22.75 -10.40 -11.21
C GLY A 103 -21.88 -9.16 -11.16
N THR A 104 -21.77 -8.52 -12.33
CA THR A 104 -20.96 -7.33 -12.58
C THR A 104 -21.67 -6.48 -13.62
N CYS A 105 -21.13 -5.29 -13.88
CA CYS A 105 -21.80 -4.36 -14.82
C CYS A 105 -21.71 -4.86 -16.27
N GLY A 106 -20.72 -5.66 -16.60
CA GLY A 106 -20.61 -6.15 -17.95
C GLY A 106 -19.99 -5.17 -18.92
N LYS A 107 -19.70 -3.92 -18.52
CA LYS A 107 -19.25 -2.87 -19.45
C LYS A 107 -17.90 -2.21 -19.10
N CYS A 108 -17.48 -2.20 -17.85
CA CYS A 108 -16.24 -1.52 -17.48
C CYS A 108 -15.02 -2.29 -18.00
N TYR A 109 -13.83 -1.71 -17.80
CA TYR A 109 -12.57 -2.33 -18.22
C TYR A 109 -12.36 -3.67 -17.51
N ASN A 110 -12.62 -3.73 -16.20
CA ASN A 110 -12.42 -4.99 -15.49
C ASN A 110 -13.33 -6.08 -16.06
N CYS A 111 -14.60 -5.78 -16.32
CA CYS A 111 -15.50 -6.82 -16.81
C CYS A 111 -15.10 -7.30 -18.20
N VAL A 112 -14.70 -6.37 -19.07
CA VAL A 112 -14.45 -6.68 -20.48
C VAL A 112 -13.13 -7.40 -20.65
N ASN A 113 -12.22 -7.33 -19.67
CA ASN A 113 -10.95 -8.04 -19.73
C ASN A 113 -10.90 -9.24 -18.77
N ASP A 114 -12.07 -9.71 -18.32
CA ASP A 114 -12.14 -10.94 -17.50
C ASP A 114 -11.34 -10.79 -16.22
N LEU A 115 -11.38 -9.60 -15.60
CA LEU A 115 -10.91 -9.28 -14.26
C LEU A 115 -12.09 -8.80 -13.43
N GLU A 116 -13.21 -9.45 -13.60
CA GLU A 116 -14.47 -8.85 -13.22
C GLU A 116 -14.72 -8.83 -11.73
N ASN A 117 -13.95 -9.62 -10.94
CA ASN A 117 -14.06 -9.49 -9.49
C ASN A 117 -13.74 -8.07 -8.99
N TYR A 118 -13.03 -7.26 -9.78
CA TYR A 118 -12.71 -5.87 -9.41
C TYR A 118 -13.63 -4.86 -10.10
N CYS A 119 -14.74 -5.31 -10.64
CA CYS A 119 -15.73 -4.35 -11.10
C CYS A 119 -16.16 -3.44 -9.95
N PRO A 120 -16.27 -2.13 -10.19
CA PRO A 120 -16.79 -1.23 -9.13
C PRO A 120 -18.22 -1.54 -8.76
N GLU A 121 -18.97 -2.27 -9.59
CA GLU A 121 -20.34 -2.65 -9.27
C GLU A 121 -20.55 -4.16 -9.16
N VAL A 122 -19.53 -4.89 -8.69
CA VAL A 122 -19.66 -6.33 -8.45
C VAL A 122 -20.78 -6.58 -7.44
N ILE A 123 -21.62 -7.56 -7.74
CA ILE A 123 -22.74 -7.95 -6.86
C ILE A 123 -22.23 -9.09 -5.96
N ILE A 124 -22.13 -8.85 -4.63
CA ILE A 124 -21.61 -9.83 -3.68
C ILE A 124 -22.62 -10.98 -3.47
N GLY A 125 -22.19 -11.99 -2.72
CA GLY A 125 -22.86 -13.29 -2.69
C GLY A 125 -24.23 -13.28 -2.05
N TYR A 126 -24.55 -12.23 -1.28
CA TYR A 126 -25.88 -12.23 -0.67
C TYR A 126 -26.11 -10.91 0.04
N GLY A 127 -27.38 -10.59 0.28
CA GLY A 127 -27.77 -9.49 1.10
C GLY A 127 -27.87 -8.15 0.42
N THR A 128 -27.58 -8.06 -0.88
CA THR A 128 -27.75 -6.85 -1.66
C THR A 128 -28.52 -7.17 -2.93
N PRO A 129 -28.99 -6.13 -3.64
CA PRO A 129 -29.89 -6.35 -4.79
C PRO A 129 -29.17 -6.96 -5.99
N TYR A 130 -29.83 -7.89 -6.68
CA TYR A 130 -29.32 -8.41 -7.95
C TYR A 130 -29.68 -7.45 -9.09
N HIS A 131 -29.29 -7.75 -10.34
CA HIS A 131 -29.69 -6.91 -11.48
C HIS A 131 -31.22 -6.75 -11.62
N ASP A 132 -32.03 -7.66 -11.07
CA ASP A 132 -33.50 -7.59 -11.18
C ASP A 132 -34.12 -6.88 -10.00
N GLY A 133 -33.31 -6.21 -9.16
CA GLY A 133 -33.77 -5.45 -8.02
C GLY A 133 -34.03 -6.24 -6.75
N THR A 134 -34.06 -7.58 -6.79
CA THR A 134 -34.31 -8.35 -5.56
C THR A 134 -33.04 -8.70 -4.78
N ILE A 135 -33.18 -8.77 -3.46
CA ILE A 135 -32.07 -9.15 -2.58
C ILE A 135 -31.62 -10.59 -2.86
N ASN A 136 -30.30 -10.79 -2.87
CA ASN A 136 -29.73 -12.12 -3.11
C ASN A 136 -29.71 -12.98 -1.85
N TYR A 137 -30.11 -14.24 -2.01
CA TYR A 137 -30.03 -15.24 -0.96
C TYR A 137 -28.87 -16.18 -1.26
N GLY A 138 -28.09 -16.49 -0.21
CA GLY A 138 -26.85 -17.23 -0.34
C GLY A 138 -26.97 -18.74 -0.29
N GLY A 139 -25.86 -19.38 0.04
CA GLY A 139 -25.74 -20.82 -0.08
C GLY A 139 -26.36 -21.67 1.03
N LEU A 140 -26.88 -21.11 2.13
CA LEU A 140 -27.56 -21.90 3.17
C LEU A 140 -29.01 -22.11 2.75
N SER A 141 -29.15 -22.77 1.61
CA SER A 141 -30.45 -22.96 1.01
C SER A 141 -30.36 -24.20 0.13
N ASN A 142 -31.51 -24.67 -0.33
CA ASN A 142 -31.58 -25.93 -1.08
C ASN A 142 -31.11 -25.79 -2.52
N GLU A 143 -31.35 -24.65 -3.15
CA GLU A 143 -31.03 -24.47 -4.55
C GLU A 143 -30.70 -23.00 -4.78
N THR A 144 -29.91 -22.74 -5.81
CA THR A 144 -29.69 -21.38 -6.23
C THR A 144 -29.71 -21.33 -7.75
N VAL A 145 -29.81 -20.11 -8.25
CA VAL A 145 -29.85 -19.81 -9.69
C VAL A 145 -28.81 -18.73 -9.93
N VAL A 146 -27.87 -19.00 -10.84
CA VAL A 146 -26.73 -18.14 -11.08
C VAL A 146 -26.51 -17.99 -12.58
N ASN A 147 -26.15 -16.77 -12.99
CA ASN A 147 -25.70 -16.55 -14.34
C ASN A 147 -24.47 -17.40 -14.64
N GLU A 148 -24.47 -18.07 -15.79
CA GLU A 148 -23.40 -19.03 -16.08
C GLU A 148 -22.00 -18.42 -16.01
N ARG A 149 -21.84 -17.10 -16.18
CA ARG A 149 -20.46 -16.60 -16.10
C ARG A 149 -19.83 -16.86 -14.73
N PHE A 150 -20.62 -16.95 -13.69
CA PHE A 150 -20.13 -17.06 -12.32
C PHE A 150 -20.27 -18.49 -11.75
N VAL A 151 -20.40 -19.48 -12.62
CA VAL A 151 -20.53 -20.87 -12.26
C VAL A 151 -19.32 -21.58 -12.82
N LEU A 152 -18.59 -22.30 -11.96
CA LEU A 152 -17.38 -23.01 -12.34
C LEU A 152 -17.69 -24.50 -12.55
N ARG A 153 -16.92 -25.14 -13.41
CA ARG A 153 -17.01 -26.60 -13.49
C ARG A 153 -16.15 -27.22 -12.37
N PHE A 154 -16.75 -28.08 -11.53
CA PHE A 154 -16.06 -28.63 -10.35
C PHE A 154 -15.33 -29.91 -10.73
N PRO A 155 -14.02 -29.98 -10.56
CA PRO A 155 -13.28 -31.17 -10.98
C PRO A 155 -13.80 -32.46 -10.35
N GLU A 156 -13.87 -33.50 -11.15
CA GLU A 156 -14.33 -34.81 -10.67
C GLU A 156 -13.45 -35.33 -9.53
N LYS A 157 -12.16 -35.04 -9.54
CA LYS A 157 -11.28 -35.59 -8.52
C LYS A 157 -11.31 -34.87 -7.15
N LEU A 158 -11.93 -33.71 -7.02
CA LEU A 158 -11.86 -32.94 -5.79
C LEU A 158 -13.02 -33.27 -4.87
N SER A 159 -12.76 -33.49 -3.59
CA SER A 159 -13.84 -33.70 -2.64
C SER A 159 -14.80 -32.53 -2.67
N PRO A 160 -16.09 -32.75 -2.91
CA PRO A 160 -17.01 -31.60 -2.91
C PRO A 160 -16.99 -30.84 -1.60
N ALA A 161 -16.88 -31.54 -0.46
CA ALA A 161 -16.92 -30.84 0.80
C ALA A 161 -15.59 -30.16 1.12
N GLY A 162 -14.48 -30.88 0.93
CA GLY A 162 -13.17 -30.32 1.17
C GLY A 162 -12.78 -29.23 0.19
N GLY A 163 -13.38 -29.23 -1.00
CA GLY A 163 -13.11 -28.18 -1.95
C GLY A 163 -14.02 -26.98 -1.87
N ALA A 164 -15.12 -27.05 -1.12
CA ALA A 164 -16.05 -25.93 -1.12
C ALA A 164 -15.41 -24.65 -0.58
N PRO A 165 -14.57 -24.67 0.46
CA PRO A 165 -13.92 -23.42 0.89
C PRO A 165 -12.88 -22.85 -0.08
N LEU A 166 -12.48 -23.57 -1.16
CA LEU A 166 -11.68 -22.94 -2.21
C LEU A 166 -12.46 -21.81 -2.91
N LEU A 167 -13.80 -21.79 -2.79
CA LEU A 167 -14.57 -20.84 -3.57
C LEU A 167 -14.53 -19.42 -2.99
N SER A 168 -14.04 -19.21 -1.75
CA SER A 168 -13.81 -17.82 -1.38
C SER A 168 -12.46 -17.69 -0.65
N ALA A 169 -12.25 -18.43 0.44
CA ALA A 169 -10.92 -18.49 1.05
C ALA A 169 -9.84 -18.94 0.05
N GLY A 170 -10.03 -20.05 -0.65
CA GLY A 170 -8.93 -20.56 -1.47
C GLY A 170 -8.54 -19.60 -2.60
N ILE A 171 -9.54 -19.07 -3.30
CA ILE A 171 -9.29 -18.22 -4.47
C ILE A 171 -8.65 -16.89 -4.02
N THR A 172 -9.09 -16.37 -2.87
CA THR A 172 -8.46 -15.16 -2.35
C THR A 172 -6.96 -15.38 -2.14
N ALA A 173 -6.59 -16.49 -1.51
CA ALA A 173 -5.18 -16.81 -1.29
C ALA A 173 -4.45 -17.11 -2.59
N TYR A 174 -5.02 -17.98 -3.43
CA TYR A 174 -4.43 -18.33 -4.71
C TYR A 174 -4.22 -17.09 -5.58
N SER A 175 -5.25 -16.27 -5.76
CA SER A 175 -5.12 -15.11 -6.65
C SER A 175 -4.10 -14.11 -6.13
N ALA A 176 -4.20 -13.75 -4.84
CA ALA A 176 -3.21 -12.84 -4.26
C ALA A 176 -1.79 -13.30 -4.56
N MET A 177 -1.53 -14.59 -4.44
CA MET A 177 -0.18 -15.09 -4.66
C MET A 177 0.16 -15.14 -6.14
N ARG A 178 -0.79 -15.54 -7.01
CA ARG A 178 -0.48 -15.60 -8.44
C ARG A 178 -0.23 -14.22 -9.00
N ASN A 179 -1.04 -13.23 -8.62
CA ASN A 179 -0.96 -11.89 -9.19
C ASN A 179 0.29 -11.14 -8.76
N HIS A 180 0.88 -11.48 -7.62
CA HIS A 180 2.04 -10.73 -7.15
C HIS A 180 3.31 -11.57 -7.13
N GLY A 181 3.34 -12.64 -7.91
CA GLY A 181 4.52 -13.46 -8.06
C GLY A 181 4.99 -14.19 -6.81
N LEU A 182 4.10 -14.43 -5.84
CA LEU A 182 4.47 -15.16 -4.64
C LEU A 182 4.21 -16.64 -4.81
N ASP A 183 4.50 -17.18 -5.98
CA ASP A 183 4.20 -18.58 -6.30
C ASP A 183 5.41 -19.29 -6.89
N LYS A 184 6.61 -18.78 -6.66
CA LYS A 184 7.83 -19.28 -7.29
C LYS A 184 8.82 -19.76 -6.23
N PRO A 185 9.50 -20.88 -6.43
CA PRO A 185 10.52 -21.23 -5.45
C PRO A 185 11.56 -20.11 -5.35
N GLY A 186 12.03 -19.90 -4.11
CA GLY A 186 12.98 -18.86 -3.77
C GLY A 186 12.37 -17.72 -3.01
N ILE A 187 11.04 -17.60 -3.03
CA ILE A 187 10.31 -16.57 -2.29
C ILE A 187 10.19 -17.01 -0.84
N HIS A 188 10.43 -16.09 0.08
CA HIS A 188 10.10 -16.32 1.48
C HIS A 188 8.84 -15.54 1.84
N LEU A 189 7.73 -16.26 2.12
CA LEU A 189 6.41 -15.68 2.37
C LEU A 189 6.03 -15.81 3.82
N GLY A 190 5.47 -14.74 4.39
CA GLY A 190 4.82 -14.78 5.69
C GLY A 190 3.31 -14.80 5.53
N VAL A 191 2.64 -15.64 6.31
CA VAL A 191 1.19 -15.73 6.38
C VAL A 191 0.75 -15.35 7.78
N VAL A 192 0.04 -14.25 7.92
CA VAL A 192 -0.37 -13.71 9.21
C VAL A 192 -1.78 -14.19 9.49
N GLY A 193 -1.98 -14.86 10.62
CA GLY A 193 -3.28 -15.36 10.96
C GLY A 193 -3.49 -16.76 10.39
N LEU A 194 -3.87 -17.73 11.20
CA LEU A 194 -4.04 -19.11 10.75
C LEU A 194 -5.52 -19.52 10.94
N GLY A 195 -6.39 -18.93 10.13
CA GLY A 195 -7.78 -19.34 10.10
C GLY A 195 -8.05 -20.02 8.77
N GLY A 196 -9.30 -19.93 8.31
CA GLY A 196 -9.64 -20.53 7.03
C GLY A 196 -8.78 -20.04 5.88
N LEU A 197 -8.71 -18.72 5.70
CA LEU A 197 -7.90 -18.16 4.61
C LEU A 197 -6.41 -18.49 4.79
N GLY A 198 -5.89 -18.31 6.01
CA GLY A 198 -4.47 -18.54 6.27
C GLY A 198 -4.04 -19.97 6.00
N HIS A 199 -4.84 -20.97 6.45
CA HIS A 199 -4.39 -22.34 6.32
C HIS A 199 -4.38 -22.73 4.85
N LEU A 200 -5.27 -22.14 4.04
CA LEU A 200 -5.24 -22.38 2.59
C LEU A 200 -4.10 -21.64 1.90
N ALA A 201 -3.76 -20.42 2.38
CA ALA A 201 -2.55 -19.77 1.90
C ALA A 201 -1.30 -20.64 2.15
N VAL A 202 -1.22 -21.31 3.32
CA VAL A 202 -0.05 -22.16 3.56
C VAL A 202 -0.05 -23.34 2.60
N LYS A 203 -1.19 -23.98 2.39
CA LYS A 203 -1.23 -25.14 1.49
C LYS A 203 -0.86 -24.76 0.05
N PHE A 204 -1.43 -23.67 -0.47
CA PHE A 204 -1.12 -23.30 -1.84
C PHE A 204 0.35 -22.91 -1.97
N ALA A 205 0.88 -22.16 -0.99
CA ALA A 205 2.29 -21.80 -1.01
C ALA A 205 3.18 -23.05 -1.00
N LYS A 206 2.86 -24.04 -0.19
CA LYS A 206 3.68 -25.23 -0.24
C LYS A 206 3.60 -25.86 -1.62
N ALA A 207 2.43 -25.84 -2.24
CA ALA A 207 2.32 -26.54 -3.52
C ALA A 207 3.05 -25.78 -4.63
N PHE A 208 3.31 -24.49 -4.45
CA PHE A 208 4.12 -23.68 -5.36
C PHE A 208 5.61 -23.82 -5.10
N GLY A 209 6.02 -24.44 -3.99
CA GLY A 209 7.44 -24.45 -3.68
C GLY A 209 7.93 -23.26 -2.91
N VAL A 210 7.03 -22.44 -2.37
CA VAL A 210 7.40 -21.26 -1.63
C VAL A 210 7.77 -21.65 -0.21
N ARG A 211 8.81 -21.03 0.33
CA ARG A 211 9.13 -21.20 1.74
C ARG A 211 8.20 -20.36 2.59
N VAL A 212 7.48 -20.97 3.54
CA VAL A 212 6.42 -20.27 4.27
C VAL A 212 6.69 -20.29 5.77
N THR A 213 6.60 -19.10 6.37
CA THR A 213 6.56 -18.89 7.83
C THR A 213 5.15 -18.47 8.24
N VAL A 214 4.55 -19.18 9.19
CA VAL A 214 3.27 -18.75 9.74
C VAL A 214 3.55 -17.78 10.87
N ILE A 215 2.90 -16.61 10.86
CA ILE A 215 3.06 -15.59 11.90
C ILE A 215 1.78 -15.53 12.70
N SER A 216 1.86 -15.77 14.01
CA SER A 216 0.67 -16.04 14.78
C SER A 216 0.85 -15.48 16.19
N THR A 217 -0.28 -15.21 16.83
CA THR A 217 -0.31 -14.89 18.27
C THR A 217 -0.79 -16.05 19.12
N THR A 218 -1.03 -17.24 18.53
CA THR A 218 -1.54 -18.42 19.22
C THR A 218 -0.50 -19.53 19.17
N PRO A 219 0.40 -19.62 20.16
CA PRO A 219 1.43 -20.69 20.15
C PRO A 219 0.89 -22.12 20.08
N SER A 220 -0.32 -22.39 20.56
CA SER A 220 -0.81 -23.77 20.45
C SER A 220 -0.92 -24.24 19.01
N LYS A 221 -0.84 -23.31 18.04
CA LYS A 221 -1.05 -23.61 16.64
C LYS A 221 0.25 -23.97 15.94
N LYS A 222 1.39 -23.88 16.64
CA LYS A 222 2.68 -24.23 16.03
C LYS A 222 2.67 -25.63 15.42
N ASP A 223 2.06 -26.58 16.13
CA ASP A 223 2.09 -27.98 15.75
C ASP A 223 1.27 -28.25 14.48
N GLU A 224 0.03 -27.75 14.44
CA GLU A 224 -0.75 -27.81 13.20
C GLU A 224 -0.03 -27.07 12.05
N ALA A 225 0.53 -25.89 12.36
CA ALA A 225 1.19 -25.14 11.29
C ALA A 225 2.34 -25.94 10.69
N ILE A 226 3.21 -26.49 11.54
CA ILE A 226 4.39 -27.17 11.01
C ILE A 226 4.04 -28.59 10.57
N ASN A 227 3.36 -29.37 11.42
CA ASN A 227 3.19 -30.79 11.08
C ASN A 227 2.07 -31.01 10.09
N ASN A 228 0.92 -30.38 10.32
CA ASN A 228 -0.24 -30.60 9.46
C ASN A 228 -0.14 -29.86 8.13
N LEU A 229 0.17 -28.56 8.17
CA LEU A 229 0.11 -27.78 6.93
C LEU A 229 1.42 -27.74 6.18
N GLY A 230 2.54 -28.02 6.85
CA GLY A 230 3.82 -28.06 6.17
C GLY A 230 4.56 -26.74 6.17
N ALA A 231 4.21 -25.82 7.06
CA ALA A 231 4.93 -24.56 7.16
C ALA A 231 6.37 -24.82 7.57
N ASP A 232 7.30 -24.06 6.97
CA ASP A 232 8.74 -24.19 7.24
C ASP A 232 9.12 -23.61 8.58
N ALA A 233 8.34 -22.68 9.11
CA ALA A 233 8.65 -22.08 10.40
C ALA A 233 7.39 -21.45 11.00
N PHE A 234 7.45 -21.20 12.30
CA PHE A 234 6.35 -20.64 13.08
C PHE A 234 6.95 -19.47 13.83
N LEU A 235 6.33 -18.30 13.73
CA LEU A 235 6.83 -17.06 14.31
C LEU A 235 5.80 -16.61 15.34
N PHE A 236 6.13 -16.67 16.62
CA PHE A 236 5.21 -16.20 17.65
C PHE A 236 5.31 -14.68 17.67
N SER A 237 4.24 -13.97 17.26
CA SER A 237 4.45 -12.53 17.06
C SER A 237 4.66 -11.80 18.38
N ARG A 238 4.22 -12.36 19.50
CA ARG A 238 4.39 -11.63 20.76
C ARG A 238 5.77 -11.83 21.36
N ASP A 239 6.62 -12.65 20.74
CA ASP A 239 7.96 -12.95 21.23
C ASP A 239 8.93 -11.99 20.52
N ASP A 240 9.30 -10.91 21.21
CA ASP A 240 10.14 -9.88 20.60
C ASP A 240 11.48 -10.43 20.12
N LYS A 241 12.01 -11.48 20.76
CA LYS A 241 13.29 -12.04 20.29
C LYS A 241 13.17 -12.57 18.87
N GLN A 242 12.17 -13.45 18.63
CA GLN A 242 11.94 -13.98 17.28
C GLN A 242 11.65 -12.84 16.30
N MET A 243 10.79 -11.89 16.71
CA MET A 243 10.44 -10.80 15.81
C MET A 243 11.67 -10.04 15.33
N ARG A 244 12.59 -9.70 16.24
CA ARG A 244 13.77 -8.97 15.83
C ARG A 244 14.70 -9.82 14.96
N ALA A 245 14.70 -11.14 15.17
CA ALA A 245 15.60 -11.97 14.37
C ALA A 245 15.09 -12.18 12.95
N ALA A 246 13.80 -11.88 12.69
CA ALA A 246 13.22 -12.00 11.35
C ALA A 246 13.19 -10.67 10.60
N ILE A 247 13.69 -9.58 11.20
CA ILE A 247 13.63 -8.27 10.55
C ILE A 247 14.25 -8.34 9.17
N GLY A 248 13.57 -7.79 8.18
CA GLY A 248 14.11 -7.76 6.84
C GLY A 248 14.19 -9.11 6.15
N THR A 249 13.53 -10.17 6.66
CA THR A 249 13.75 -11.50 6.08
C THR A 249 12.66 -11.96 5.10
N PHE A 250 11.52 -11.27 4.99
CA PHE A 250 10.40 -11.71 4.15
C PHE A 250 10.32 -10.90 2.86
N ASP A 251 10.06 -11.59 1.75
CA ASP A 251 9.76 -10.93 0.47
C ASP A 251 8.33 -10.38 0.42
N ALA A 252 7.36 -11.11 0.95
CA ALA A 252 5.95 -10.70 1.03
C ALA A 252 5.34 -11.31 2.26
N ILE A 253 4.28 -10.67 2.72
CA ILE A 253 3.46 -11.18 3.79
C ILE A 253 2.00 -11.06 3.37
N ILE A 254 1.24 -12.17 3.49
CA ILE A 254 -0.19 -12.19 3.27
C ILE A 254 -0.87 -12.13 4.62
N ASP A 255 -1.58 -11.03 4.85
CA ASP A 255 -2.22 -10.71 6.12
C ASP A 255 -3.71 -11.03 6.04
N THR A 256 -4.16 -12.03 6.81
CA THR A 256 -5.51 -12.57 6.70
C THR A 256 -6.41 -12.20 7.88
N LEU A 257 -5.89 -11.46 8.87
CA LEU A 257 -6.61 -11.23 10.14
C LEU A 257 -7.81 -10.30 9.98
N ALA A 258 -8.87 -10.62 10.75
CA ALA A 258 -10.13 -9.88 10.75
C ALA A 258 -10.26 -8.92 11.93
N VAL A 259 -9.20 -8.71 12.70
CA VAL A 259 -9.21 -7.78 13.81
C VAL A 259 -8.12 -6.75 13.59
N VAL A 260 -8.25 -5.61 14.28
CA VAL A 260 -7.27 -4.55 14.18
C VAL A 260 -5.97 -4.99 14.81
N HIS A 261 -4.86 -4.62 14.20
CA HIS A 261 -3.56 -5.07 14.64
C HIS A 261 -2.52 -4.08 14.12
N PRO A 262 -1.32 -4.09 14.69
CA PRO A 262 -0.29 -3.16 14.24
C PRO A 262 0.34 -3.64 12.96
N ILE A 263 0.63 -2.70 12.08
CA ILE A 263 1.12 -2.96 10.74
C ILE A 263 2.65 -2.79 10.70
N ALA A 264 3.19 -1.94 11.59
CA ALA A 264 4.60 -1.60 11.49
C ALA A 264 5.52 -2.78 11.80
N PRO A 265 5.29 -3.57 12.87
CA PRO A 265 6.10 -4.79 13.07
C PRO A 265 6.09 -5.65 11.83
N LEU A 266 4.93 -5.75 11.16
CA LEU A 266 4.84 -6.51 9.91
C LEU A 266 5.69 -5.88 8.81
N LEU A 267 5.70 -4.53 8.72
CA LEU A 267 6.52 -3.93 7.69
C LEU A 267 8.00 -4.13 7.98
N ASP A 268 8.37 -4.10 9.28
CA ASP A 268 9.77 -4.35 9.64
C ASP A 268 10.22 -5.78 9.29
N LEU A 269 9.28 -6.74 9.21
CA LEU A 269 9.65 -8.07 8.74
C LEU A 269 10.03 -8.10 7.24
N LEU A 270 9.62 -7.10 6.45
CA LEU A 270 9.85 -7.16 5.02
C LEU A 270 11.24 -6.64 4.63
N ARG A 271 11.87 -7.33 3.70
CA ARG A 271 13.01 -6.69 3.07
C ARG A 271 12.54 -5.46 2.32
N SER A 272 13.51 -4.62 1.91
CA SER A 272 13.16 -3.41 1.18
C SER A 272 12.41 -3.79 -0.08
N HIS A 273 11.37 -3.00 -0.41
CA HIS A 273 10.51 -3.20 -1.58
C HIS A 273 9.57 -4.41 -1.45
N GLY A 274 9.52 -5.06 -0.28
CA GLY A 274 8.59 -6.14 -0.08
C GLY A 274 7.16 -5.66 0.00
N LYS A 275 6.25 -6.61 -0.19
CA LYS A 275 4.82 -6.36 -0.30
C LYS A 275 4.10 -6.91 0.91
N LEU A 276 3.16 -6.14 1.44
CA LEU A 276 2.23 -6.63 2.45
C LEU A 276 0.86 -6.67 1.80
N VAL A 277 0.39 -7.88 1.52
CA VAL A 277 -0.87 -8.10 0.82
C VAL A 277 -1.98 -8.27 1.86
N LEU A 278 -2.98 -7.41 1.82
CA LEU A 278 -4.07 -7.37 2.79
C LEU A 278 -5.28 -8.07 2.17
N VAL A 279 -5.66 -9.21 2.74
CA VAL A 279 -6.84 -9.93 2.27
C VAL A 279 -7.93 -10.08 3.33
N GLY A 280 -7.62 -9.92 4.63
CA GLY A 280 -8.66 -9.86 5.63
C GLY A 280 -9.29 -8.50 5.63
N ALA A 281 -10.51 -8.42 6.20
CA ALA A 281 -11.28 -7.18 6.27
C ALA A 281 -11.67 -6.86 7.71
N PRO A 282 -10.77 -6.27 8.51
CA PRO A 282 -11.18 -5.81 9.85
C PRO A 282 -12.29 -4.78 9.69
N SER A 283 -13.20 -4.74 10.67
CA SER A 283 -14.34 -3.82 10.60
C SER A 283 -13.99 -2.40 11.10
N LYS A 284 -12.80 -2.23 11.72
CA LYS A 284 -12.25 -0.95 12.17
C LYS A 284 -11.00 -0.60 11.37
N PRO A 285 -10.67 0.69 11.17
CA PRO A 285 -9.52 1.02 10.30
C PRO A 285 -8.18 0.79 11.02
N LEU A 286 -7.13 0.67 10.21
CA LEU A 286 -5.77 0.42 10.63
C LEU A 286 -4.92 1.67 10.50
N GLU A 287 -3.79 1.70 11.21
CA GLU A 287 -2.91 2.85 11.18
C GLU A 287 -1.79 2.60 10.16
N LEU A 288 -1.47 3.63 9.37
CA LEU A 288 -0.49 3.50 8.29
C LEU A 288 0.84 4.00 8.81
N PRO A 289 1.78 3.12 9.18
CA PRO A 289 3.08 3.63 9.65
C PRO A 289 3.84 4.23 8.49
N THR A 290 3.85 5.56 8.42
CA THR A 290 4.33 6.18 7.19
C THR A 290 5.85 6.00 7.04
N ILE A 291 6.68 6.34 8.06
CA ILE A 291 8.15 6.22 7.88
C ILE A 291 8.62 4.81 7.57
N PRO A 292 8.12 3.75 8.23
CA PRO A 292 8.50 2.40 7.77
C PRO A 292 8.11 2.17 6.32
N LEU A 293 6.93 2.59 5.92
CA LEU A 293 6.52 2.40 4.53
C LEU A 293 7.44 3.15 3.58
N LEU A 294 7.77 4.40 3.91
CA LEU A 294 8.54 5.22 3.00
C LEU A 294 9.98 4.76 2.92
N SER A 295 10.61 4.60 4.08
CA SER A 295 12.05 4.35 4.17
C SER A 295 12.38 2.99 3.62
N GLY A 296 11.51 2.00 3.81
CA GLY A 296 11.74 0.70 3.21
C GLY A 296 11.26 0.60 1.78
N GLY A 297 10.59 1.62 1.25
CA GLY A 297 10.01 1.53 -0.08
C GLY A 297 9.06 0.36 -0.25
N LYS A 298 8.19 0.15 0.71
CA LYS A 298 7.34 -1.02 0.85
C LYS A 298 5.92 -0.73 0.36
N SER A 299 5.17 -1.80 0.07
CA SER A 299 3.85 -1.68 -0.53
C SER A 299 2.79 -2.36 0.31
N LEU A 300 1.63 -1.71 0.41
CA LEU A 300 0.40 -2.27 0.98
C LEU A 300 -0.57 -2.49 -0.17
N ILE A 301 -0.90 -3.74 -0.43
CA ILE A 301 -1.69 -4.11 -1.58
C ILE A 301 -2.93 -4.81 -1.09
N GLY A 302 -4.10 -4.34 -1.54
CA GLY A 302 -5.34 -5.01 -1.26
C GLY A 302 -5.68 -6.01 -2.35
N SER A 303 -6.35 -7.09 -1.95
CA SER A 303 -6.75 -8.13 -2.88
C SER A 303 -8.05 -8.78 -2.41
N ALA A 304 -8.92 -9.15 -3.36
CA ALA A 304 -10.27 -9.68 -3.07
C ALA A 304 -10.58 -10.83 -4.01
N ALA A 305 -10.90 -11.99 -3.46
CA ALA A 305 -11.31 -13.14 -4.27
C ALA A 305 -10.37 -13.30 -5.48
N GLY A 306 -10.88 -13.71 -6.63
CA GLY A 306 -10.11 -13.82 -7.86
C GLY A 306 -11.15 -13.78 -8.96
N ASN A 307 -10.71 -13.51 -10.20
CA ASN A 307 -11.70 -13.51 -11.28
C ASN A 307 -12.11 -14.95 -11.65
N VAL A 308 -13.21 -15.09 -12.39
CA VAL A 308 -13.79 -16.43 -12.54
C VAL A 308 -12.89 -17.35 -13.35
N LYS A 309 -12.12 -16.83 -14.32
CA LYS A 309 -11.19 -17.68 -15.08
C LYS A 309 -10.04 -18.18 -14.21
N GLN A 310 -9.53 -17.32 -13.33
CA GLN A 310 -8.53 -17.70 -12.32
C GLN A 310 -9.09 -18.74 -11.35
N THR A 311 -10.39 -18.62 -11.00
CA THR A 311 -11.02 -19.57 -10.09
C THR A 311 -11.11 -20.95 -10.72
N GLN A 312 -11.47 -21.02 -12.02
CA GLN A 312 -11.44 -22.29 -12.70
C GLN A 312 -10.04 -22.87 -12.68
N GLU A 313 -9.03 -22.04 -12.94
CA GLU A 313 -7.67 -22.55 -12.98
C GLU A 313 -7.23 -23.02 -11.58
N MET A 314 -7.67 -22.31 -10.54
CA MET A 314 -7.41 -22.69 -9.16
C MET A 314 -8.02 -24.05 -8.81
N LEU A 315 -9.26 -24.29 -9.25
CA LEU A 315 -9.93 -25.56 -8.97
C LEU A 315 -9.18 -26.73 -9.64
N ASP A 316 -8.72 -26.54 -10.87
CA ASP A 316 -7.97 -27.58 -11.60
C ASP A 316 -6.58 -27.79 -10.98
N PHE A 317 -5.94 -26.73 -10.50
CA PHE A 317 -4.72 -26.89 -9.72
C PHE A 317 -4.99 -27.65 -8.44
N ALA A 318 -6.07 -27.32 -7.75
CA ALA A 318 -6.30 -27.99 -6.48
C ALA A 318 -6.59 -29.47 -6.69
N ALA A 319 -7.26 -29.83 -7.79
CA ALA A 319 -7.53 -31.23 -8.08
C ALA A 319 -6.24 -31.98 -8.42
N GLU A 320 -5.35 -31.36 -9.20
CA GLU A 320 -4.13 -32.06 -9.57
C GLU A 320 -3.16 -32.20 -8.40
N HIS A 321 -3.14 -31.24 -7.46
CA HIS A 321 -2.22 -31.35 -6.32
C HIS A 321 -2.91 -31.76 -5.02
N ASP A 322 -4.15 -32.23 -5.08
CA ASP A 322 -4.89 -32.68 -3.89
C ASP A 322 -4.85 -31.64 -2.76
N ILE A 323 -5.20 -30.40 -3.10
CA ILE A 323 -5.32 -29.32 -2.13
C ILE A 323 -6.80 -29.20 -1.78
N THR A 324 -7.15 -29.51 -0.53
CA THR A 324 -8.48 -29.28 0.04
C THR A 324 -8.35 -28.58 1.40
N ALA A 325 -9.45 -27.97 1.87
CA ALA A 325 -9.44 -27.41 3.22
C ALA A 325 -9.53 -28.54 4.25
N ASN A 326 -9.03 -28.28 5.47
CA ASN A 326 -9.27 -29.16 6.63
C ASN A 326 -10.62 -28.75 7.22
N ILE A 327 -11.62 -29.64 7.14
CA ILE A 327 -12.97 -29.19 7.39
C ILE A 327 -13.62 -30.01 8.49
N GLU A 328 -14.62 -29.41 9.13
CA GLU A 328 -15.61 -30.15 9.89
C GLU A 328 -16.96 -30.00 9.16
N VAL A 329 -17.51 -31.12 8.70
CA VAL A 329 -18.81 -31.12 8.02
C VAL A 329 -19.91 -31.13 9.07
N ILE A 330 -20.89 -30.24 8.93
CA ILE A 330 -21.92 -30.06 9.93
C ILE A 330 -23.32 -30.08 9.32
N PRO A 331 -24.33 -30.45 10.10
CA PRO A 331 -25.72 -30.24 9.67
C PRO A 331 -26.11 -28.78 9.83
N ILE A 332 -27.11 -28.36 9.05
CA ILE A 332 -27.48 -26.94 9.03
C ILE A 332 -27.96 -26.48 10.41
N ASP A 333 -28.68 -27.34 11.15
CA ASP A 333 -29.25 -26.88 12.41
C ASP A 333 -28.21 -26.75 13.51
N TYR A 334 -26.94 -27.08 13.23
CA TYR A 334 -25.79 -26.75 14.06
C TYR A 334 -25.19 -25.35 13.76
N ILE A 335 -25.72 -24.61 12.75
CA ILE A 335 -25.01 -23.42 12.24
C ILE A 335 -24.81 -22.37 13.32
N ASN A 336 -25.80 -22.20 14.20
CA ASN A 336 -25.67 -21.21 15.27
C ASN A 336 -24.55 -21.54 16.25
N THR A 337 -24.40 -22.83 16.60
CA THR A 337 -23.28 -23.24 17.45
C THR A 337 -21.96 -23.12 16.71
N ALA A 338 -21.92 -23.48 15.42
CA ALA A 338 -20.68 -23.31 14.65
C ALA A 338 -20.23 -21.86 14.62
N MET A 339 -21.17 -20.90 14.49
CA MET A 339 -20.85 -19.47 14.50
C MET A 339 -20.14 -19.08 15.81
N GLU A 340 -20.67 -19.54 16.94
CA GLU A 340 -19.98 -19.32 18.20
C GLU A 340 -18.60 -19.94 18.20
N ARG A 341 -18.48 -21.19 17.72
CA ARG A 341 -17.15 -21.78 17.72
C ARG A 341 -16.23 -21.01 16.78
N LEU A 342 -16.76 -20.54 15.67
CA LEU A 342 -15.94 -19.77 14.74
C LEU A 342 -15.53 -18.44 15.35
N ASP A 343 -16.45 -17.80 16.10
CA ASP A 343 -16.13 -16.56 16.82
C ASP A 343 -14.97 -16.73 17.80
N LYS A 344 -14.90 -17.86 18.52
CA LYS A 344 -13.82 -18.16 19.47
C LYS A 344 -12.59 -18.79 18.81
N GLY A 345 -12.61 -19.03 17.49
CA GLY A 345 -11.51 -19.76 16.87
C GLY A 345 -11.42 -21.25 17.15
N ASP A 346 -12.46 -21.88 17.70
CA ASP A 346 -12.42 -23.31 18.01
C ASP A 346 -12.78 -24.15 16.79
N ILE A 347 -12.00 -24.01 15.71
CA ILE A 347 -12.21 -24.82 14.51
C ILE A 347 -10.92 -24.88 13.72
N ARG A 348 -10.59 -26.08 13.21
CA ARG A 348 -9.30 -26.32 12.54
C ARG A 348 -9.56 -27.07 11.21
N PHE A 349 -9.92 -26.32 10.15
CA PHE A 349 -9.91 -24.85 10.12
C PHE A 349 -11.21 -24.27 9.45
N ARG A 350 -12.13 -25.12 9.01
CA ARG A 350 -13.30 -24.67 8.26
C ARG A 350 -14.53 -25.52 8.57
N PHE A 351 -15.68 -24.86 8.82
CA PHE A 351 -16.97 -25.53 8.80
C PHE A 351 -17.50 -25.57 7.37
N VAL A 352 -18.07 -26.71 6.99
CA VAL A 352 -18.72 -26.86 5.71
C VAL A 352 -20.09 -27.46 6.01
N VAL A 353 -21.16 -26.84 5.51
CA VAL A 353 -22.49 -27.34 5.83
C VAL A 353 -22.90 -28.35 4.77
N ASP A 354 -23.33 -29.55 5.22
CA ASP A 354 -23.95 -30.56 4.35
C ASP A 354 -25.42 -30.22 4.10
N ILE A 355 -25.66 -29.46 3.02
CA ILE A 355 -27.00 -28.94 2.74
C ILE A 355 -27.90 -30.07 2.24
N GLU A 356 -27.40 -30.87 1.31
CA GLU A 356 -28.26 -31.85 0.66
C GLU A 356 -28.89 -32.83 1.65
N ASN A 357 -28.12 -33.27 2.66
CA ASN A 357 -28.61 -34.31 3.55
C ASN A 357 -29.25 -33.80 4.85
N THR A 358 -29.12 -32.50 5.19
CA THR A 358 -29.61 -32.09 6.51
C THR A 358 -30.55 -30.91 6.52
N LEU A 359 -30.77 -30.25 5.38
CA LEU A 359 -31.72 -29.16 5.28
C LEU A 359 -33.07 -29.72 4.82
N THR A 360 -34.14 -29.29 5.47
CA THR A 360 -35.51 -29.59 5.06
C THR A 360 -36.34 -28.31 5.18
N PRO A 361 -37.52 -28.26 4.55
CA PRO A 361 -38.36 -26.99 4.60
C PRO A 361 -38.76 -26.68 6.05
N PRO A 362 -39.13 -25.41 6.34
CA PRO A 362 -39.51 -24.98 7.71
C PRO A 362 -40.67 -25.77 8.37
N SER B 5 33.20 23.10 22.41
CA SER B 5 33.37 21.68 22.14
C SER B 5 32.88 21.32 20.73
N PRO B 6 31.69 21.79 20.31
CA PRO B 6 31.31 21.57 18.89
C PRO B 6 32.38 22.10 17.95
N GLU B 7 33.04 23.19 18.35
CA GLU B 7 34.12 23.79 17.57
C GLU B 7 35.44 23.01 17.69
N GLU B 8 35.56 22.19 18.72
CA GLU B 8 36.80 21.46 18.96
C GLU B 8 36.71 19.96 18.63
N GLU B 9 35.51 19.41 18.31
CA GLU B 9 35.38 17.96 18.07
C GLU B 9 36.01 17.48 16.75
N HIS B 10 36.30 18.36 15.79
CA HIS B 10 36.94 18.04 14.52
C HIS B 10 37.96 19.12 14.23
N PRO B 11 38.90 18.87 13.30
CA PRO B 11 39.99 19.84 13.06
C PRO B 11 39.63 21.09 12.25
N VAL B 12 38.56 21.13 11.46
CA VAL B 12 38.34 22.29 10.60
C VAL B 12 37.11 23.07 11.07
N LYS B 13 37.29 24.37 11.29
CA LYS B 13 36.23 25.24 11.79
C LYS B 13 35.11 25.37 10.76
N ALA B 14 33.90 25.60 11.26
CA ALA B 14 32.78 25.89 10.38
C ALA B 14 31.73 26.64 11.18
N TYR B 15 30.77 27.22 10.48
CA TYR B 15 29.75 27.98 11.16
C TYR B 15 28.47 27.94 10.31
N GLY B 16 27.33 28.13 10.99
CA GLY B 16 26.07 28.29 10.30
C GLY B 16 24.96 28.71 11.24
N TRP B 17 23.73 28.25 11.03
CA TRP B 17 22.66 28.52 11.97
C TRP B 17 22.10 27.22 12.49
N ALA B 18 21.65 27.22 13.75
CA ALA B 18 21.28 25.98 14.38
C ALA B 18 20.14 26.20 15.36
N VAL B 19 19.29 25.18 15.51
CA VAL B 19 18.34 25.17 16.62
C VAL B 19 19.09 24.69 17.87
N LYS B 20 19.40 25.63 18.79
CA LYS B 20 20.08 25.25 20.03
C LYS B 20 19.11 24.70 21.08
N ASP B 21 17.92 25.26 21.18
CA ASP B 21 16.92 24.80 22.12
C ASP B 21 15.74 24.11 21.38
N ARG B 22 15.71 22.78 21.39
CA ARG B 22 14.72 22.05 20.59
C ARG B 22 13.28 22.42 20.96
N THR B 23 13.05 22.94 22.17
CA THR B 23 11.70 23.23 22.60
C THR B 23 11.13 24.52 22.01
N THR B 24 11.97 25.43 21.51
CA THR B 24 11.50 26.62 20.79
C THR B 24 11.66 26.52 19.28
N GLY B 25 12.63 25.79 18.76
CA GLY B 25 12.75 25.66 17.33
C GLY B 25 13.33 26.87 16.64
N ILE B 26 13.91 27.81 17.41
CA ILE B 26 14.51 29.04 16.87
C ILE B 26 15.96 28.77 16.50
N LEU B 27 16.35 29.17 15.30
CA LEU B 27 17.72 29.05 14.85
C LEU B 27 18.51 30.31 15.19
N SER B 28 19.78 30.13 15.51
CA SER B 28 20.66 31.26 15.78
C SER B 28 22.05 30.90 15.29
N PRO B 29 22.95 31.90 15.16
CA PRO B 29 24.31 31.60 14.68
C PRO B 29 25.02 30.55 15.53
N PHE B 30 25.82 29.70 14.89
CA PHE B 30 26.35 28.49 15.53
C PHE B 30 27.70 28.19 14.92
N LYS B 31 28.71 28.04 15.80
CA LYS B 31 30.08 27.69 15.44
C LYS B 31 30.24 26.20 15.70
N PHE B 32 30.86 25.49 14.76
CA PHE B 32 31.12 24.07 15.00
C PHE B 32 32.41 23.73 14.21
N SER B 33 32.59 22.46 13.89
CA SER B 33 33.75 22.02 13.13
C SER B 33 33.37 20.82 12.30
N ARG B 34 34.15 20.59 11.26
CA ARG B 34 33.94 19.47 10.37
C ARG B 34 35.23 18.69 10.22
N ARG B 35 35.11 17.39 9.98
CA ARG B 35 36.28 16.55 9.84
C ARG B 35 37.21 17.04 8.72
N ALA B 36 38.46 16.56 8.78
CA ALA B 36 39.39 16.75 7.69
C ALA B 36 38.97 15.91 6.49
N THR B 37 39.41 16.34 5.33
CA THR B 37 39.13 15.65 4.07
C THR B 37 39.82 14.30 4.06
N GLY B 38 39.05 13.23 4.17
CA GLY B 38 39.59 11.89 3.93
C GLY B 38 39.83 11.63 2.43
N ASP B 39 40.38 10.44 2.15
CA ASP B 39 40.79 10.02 0.80
C ASP B 39 39.65 10.06 -0.21
N ASN B 40 38.42 9.79 0.24
CA ASN B 40 37.25 9.74 -0.63
C ASN B 40 36.26 10.87 -0.37
N ASP B 41 36.73 11.95 0.24
CA ASP B 41 35.85 13.05 0.63
C ASP B 41 35.95 14.20 -0.37
N ILE B 42 34.89 15.01 -0.42
CA ILE B 42 34.88 16.26 -1.16
C ILE B 42 34.45 17.35 -0.21
N ARG B 43 35.25 18.41 -0.11
CA ARG B 43 34.88 19.58 0.66
C ARG B 43 34.09 20.51 -0.23
N ILE B 44 32.98 21.02 0.29
CA ILE B 44 32.04 21.77 -0.52
C ILE B 44 31.79 23.12 0.15
N LYS B 45 32.09 24.20 -0.58
CA LYS B 45 31.66 25.54 -0.19
C LYS B 45 30.20 25.69 -0.57
N ILE B 46 29.35 25.93 0.41
CA ILE B 46 27.92 25.87 0.15
C ILE B 46 27.46 27.19 -0.44
N LEU B 47 26.79 27.12 -1.59
CA LEU B 47 26.23 28.32 -2.22
C LEU B 47 24.77 28.57 -1.84
N TYR B 48 23.92 27.53 -1.97
CA TYR B 48 22.49 27.63 -1.70
C TYR B 48 22.03 26.40 -0.92
N CYS B 49 21.09 26.60 -0.02
CA CYS B 49 20.43 25.49 0.63
C CYS B 49 18.90 25.65 0.54
N GLY B 50 18.23 24.72 -0.16
CA GLY B 50 16.78 24.66 -0.11
C GLY B 50 16.27 24.31 1.28
N ILE B 51 15.05 24.78 1.58
CA ILE B 51 14.34 24.52 2.83
C ILE B 51 13.12 23.67 2.50
N CYS B 52 12.98 22.52 3.17
CA CYS B 52 11.80 21.66 2.91
C CYS B 52 10.93 21.50 4.16
N HIS B 53 9.79 20.86 3.99
CA HIS B 53 8.91 20.69 5.13
C HIS B 53 9.54 19.80 6.19
N THR B 54 10.47 18.91 5.79
CA THR B 54 11.14 18.10 6.81
C THR B 54 11.99 18.97 7.72
N ASP B 55 12.67 20.00 7.18
CA ASP B 55 13.39 20.96 8.04
C ASP B 55 12.45 21.57 9.07
N LEU B 56 11.26 21.96 8.62
CA LEU B 56 10.28 22.56 9.51
C LEU B 56 9.80 21.54 10.57
N THR B 57 9.47 20.33 10.14
CA THR B 57 9.09 19.29 11.10
C THR B 57 10.20 19.04 12.13
N SER B 58 11.45 19.06 11.69
CA SER B 58 12.56 18.99 12.64
C SER B 58 12.56 20.21 13.58
N VAL B 59 12.42 21.44 13.04
CA VAL B 59 12.44 22.57 13.97
C VAL B 59 11.20 22.60 14.87
N LYS B 60 10.07 22.02 14.47
CA LYS B 60 8.94 21.88 15.40
C LYS B 60 9.13 20.74 16.44
N ASN B 61 10.32 20.15 16.54
CA ASN B 61 10.62 19.18 17.58
C ASN B 61 9.74 17.94 17.47
N GLU B 62 9.44 17.49 16.24
CA GLU B 62 8.53 16.37 16.06
C GLU B 62 9.24 15.05 15.76
N TYR B 63 10.56 15.05 15.70
CA TYR B 63 11.38 13.88 15.47
C TYR B 63 12.25 13.67 16.71
N GLU B 64 11.90 12.67 17.51
CA GLU B 64 12.60 12.37 18.77
C GLU B 64 14.08 12.04 18.56
N PHE B 65 14.41 11.34 17.46
CA PHE B 65 15.77 10.83 17.24
C PHE B 65 16.81 11.90 16.87
N LEU B 66 16.42 13.13 16.57
CA LEU B 66 17.43 14.10 16.22
C LEU B 66 18.15 14.59 17.48
N SER B 67 19.45 14.88 17.34
CA SER B 67 20.26 15.49 18.38
C SER B 67 20.47 16.97 18.08
N TYR B 68 20.65 17.74 19.14
CA TYR B 68 20.79 19.19 19.04
C TYR B 68 22.10 19.67 19.67
N PRO B 69 22.66 20.82 19.25
CA PRO B 69 22.20 21.87 18.31
C PRO B 69 22.06 21.24 16.90
N LEU B 70 20.97 21.61 16.24
CA LEU B 70 20.55 20.97 15.01
C LEU B 70 20.78 21.95 13.89
N VAL B 71 21.63 21.58 12.93
CA VAL B 71 21.82 22.36 11.71
C VAL B 71 21.07 21.61 10.60
N PRO B 72 19.87 22.08 10.23
CA PRO B 72 19.09 21.38 9.20
C PRO B 72 19.48 21.90 7.83
N GLY B 73 18.67 21.55 6.82
CA GLY B 73 18.92 21.89 5.44
C GLY B 73 19.57 20.75 4.69
N MET B 74 18.89 20.22 3.66
CA MET B 74 19.43 19.04 2.98
C MET B 74 19.27 19.12 1.48
N GLU B 75 19.25 20.32 0.94
CA GLU B 75 19.16 20.56 -0.50
C GLU B 75 20.30 21.53 -0.86
N ILE B 76 21.53 21.01 -0.88
CA ILE B 76 22.76 21.79 -0.87
C ILE B 76 23.35 21.81 -2.28
N VAL B 77 23.63 23.00 -2.79
CA VAL B 77 24.40 23.18 -4.01
C VAL B 77 25.64 24.00 -3.66
N GLY B 78 26.80 23.59 -4.17
CA GLY B 78 28.04 24.21 -3.77
C GLY B 78 29.14 24.10 -4.79
N ILE B 79 30.36 24.43 -4.36
CA ILE B 79 31.56 24.35 -5.18
C ILE B 79 32.55 23.50 -4.41
N ALA B 80 33.14 22.52 -5.11
CA ALA B 80 34.19 21.69 -4.53
C ALA B 80 35.43 22.53 -4.31
N THR B 81 35.86 22.64 -3.06
CA THR B 81 37.08 23.34 -2.75
C THR B 81 38.24 22.41 -2.46
N GLU B 82 38.00 21.11 -2.41
CA GLU B 82 39.05 20.19 -1.99
C GLU B 82 38.56 18.75 -2.20
N VAL B 83 39.42 17.90 -2.77
CA VAL B 83 39.06 16.49 -2.95
C VAL B 83 40.16 15.58 -2.40
N GLY B 84 39.74 14.45 -1.81
CA GLY B 84 40.71 13.49 -1.30
C GLY B 84 41.56 12.88 -2.42
N SER B 85 42.68 12.29 -2.03
CA SER B 85 43.64 11.83 -3.02
C SER B 85 43.02 10.87 -4.03
N LYS B 86 42.05 10.05 -3.60
CA LYS B 86 41.45 9.00 -4.42
C LYS B 86 40.18 9.43 -5.15
N VAL B 87 39.81 10.69 -5.06
CA VAL B 87 38.68 11.20 -5.83
C VAL B 87 39.18 11.50 -7.23
N THR B 88 38.44 11.04 -8.24
CA THR B 88 38.79 11.40 -9.61
C THR B 88 37.59 11.97 -10.38
N LYS B 89 36.36 11.61 -9.98
CA LYS B 89 35.20 12.03 -10.75
C LYS B 89 34.91 13.52 -10.61
N ILE B 90 35.46 14.19 -9.59
CA ILE B 90 35.13 15.58 -9.25
C ILE B 90 36.43 16.37 -9.13
N LYS B 91 36.50 17.55 -9.76
CA LYS B 91 37.65 18.44 -9.70
C LYS B 91 37.36 19.66 -8.83
N VAL B 92 38.39 20.14 -8.11
CA VAL B 92 38.26 21.39 -7.38
C VAL B 92 37.75 22.47 -8.36
N GLY B 93 36.82 23.32 -7.89
CA GLY B 93 36.23 24.36 -8.72
C GLY B 93 34.93 23.99 -9.41
N GLU B 94 34.56 22.71 -9.44
CA GLU B 94 33.33 22.26 -10.05
C GLU B 94 32.11 22.56 -9.19
N LYS B 95 30.98 22.82 -9.86
CA LYS B 95 29.70 22.92 -9.17
C LYS B 95 29.23 21.51 -8.80
N VAL B 96 28.89 21.31 -7.54
CA VAL B 96 28.51 20.01 -7.04
C VAL B 96 27.21 20.17 -6.25
N ALA B 97 26.55 19.05 -5.96
CA ALA B 97 25.36 19.03 -5.11
C ALA B 97 25.42 17.77 -4.25
N VAL B 98 24.70 17.80 -3.13
CA VAL B 98 24.75 16.70 -2.18
C VAL B 98 23.40 15.98 -2.17
N ALA B 99 23.46 14.65 -2.18
CA ALA B 99 22.23 13.89 -1.97
C ALA B 99 21.64 14.19 -0.59
N ALA B 100 20.38 13.86 -0.42
CA ALA B 100 19.75 14.12 0.85
C ALA B 100 20.11 13.08 1.92
N TYR B 101 21.13 12.24 1.71
CA TYR B 101 21.65 11.38 2.74
C TYR B 101 23.15 11.32 2.50
N LEU B 102 23.89 10.93 3.56
CA LEU B 102 25.34 11.12 3.66
C LEU B 102 26.14 9.83 3.70
N GLY B 103 25.50 8.69 3.92
CA GLY B 103 26.21 7.41 3.92
C GLY B 103 25.24 6.26 4.11
N THR B 104 25.80 5.05 3.93
CA THR B 104 25.08 3.77 4.02
C THR B 104 26.01 2.70 4.59
N CYS B 105 25.47 1.52 4.92
CA CYS B 105 26.31 0.50 5.54
C CYS B 105 27.38 0.02 4.59
N GLY B 106 27.12 0.11 3.28
CA GLY B 106 28.06 -0.25 2.25
C GLY B 106 28.10 -1.73 1.92
N LYS B 107 27.38 -2.58 2.67
CA LYS B 107 27.48 -4.03 2.55
C LYS B 107 26.17 -4.77 2.25
N CYS B 108 24.99 -4.20 2.56
CA CYS B 108 23.73 -4.89 2.30
C CYS B 108 23.45 -4.95 0.79
N TYR B 109 22.37 -5.63 0.43
CA TYR B 109 22.02 -5.78 -0.98
C TYR B 109 21.74 -4.43 -1.66
N ASN B 110 20.96 -3.56 -0.98
CA ASN B 110 20.66 -2.25 -1.55
C ASN B 110 21.94 -1.49 -1.83
N CYS B 111 22.92 -1.58 -0.93
CA CYS B 111 24.14 -0.83 -1.13
C CYS B 111 24.93 -1.33 -2.35
N VAL B 112 25.13 -2.65 -2.47
CA VAL B 112 26.06 -3.20 -3.47
C VAL B 112 25.46 -3.11 -4.87
N ASN B 113 24.17 -2.76 -4.93
CA ASN B 113 23.38 -2.76 -6.18
C ASN B 113 22.86 -1.39 -6.54
N ASP B 114 23.49 -0.34 -5.99
CA ASP B 114 23.24 1.07 -6.36
C ASP B 114 21.76 1.43 -6.17
N LEU B 115 21.17 0.87 -5.12
CA LEU B 115 19.86 1.21 -4.61
C LEU B 115 19.97 1.68 -3.17
N GLU B 116 21.00 2.48 -2.90
CA GLU B 116 21.48 2.65 -1.52
C GLU B 116 20.57 3.54 -0.68
N ASN B 117 19.70 4.34 -1.29
CA ASN B 117 18.77 5.12 -0.50
C ASN B 117 17.83 4.25 0.33
N TYR B 118 17.65 2.98 -0.03
CA TYR B 118 16.84 2.09 0.79
C TYR B 118 17.68 1.16 1.68
N CYS B 119 18.94 1.48 1.87
CA CYS B 119 19.73 0.82 2.90
C CYS B 119 19.04 0.97 4.24
N PRO B 120 18.90 -0.11 5.02
CA PRO B 120 18.27 -0.01 6.36
C PRO B 120 19.03 0.85 7.34
N GLU B 121 20.30 1.10 7.11
CA GLU B 121 21.07 1.98 7.99
C GLU B 121 21.55 3.24 7.25
N VAL B 122 20.70 3.76 6.35
CA VAL B 122 21.03 5.01 5.66
C VAL B 122 21.24 6.11 6.67
N ILE B 123 22.29 6.92 6.47
CA ILE B 123 22.57 8.08 7.33
C ILE B 123 21.92 9.31 6.69
N ILE B 124 20.90 9.87 7.36
CA ILE B 124 20.16 11.01 6.81
C ILE B 124 20.98 12.30 6.86
N GLY B 125 20.42 13.38 6.28
CA GLY B 125 21.19 14.57 5.96
C GLY B 125 21.70 15.36 7.15
N TYR B 126 21.14 15.15 8.34
CA TYR B 126 21.63 15.88 9.50
C TYR B 126 20.98 15.34 10.77
N GLY B 127 21.60 15.62 11.92
CA GLY B 127 20.97 15.36 13.20
C GLY B 127 21.17 13.95 13.74
N THR B 128 21.87 13.08 13.04
CA THR B 128 22.24 11.76 13.54
C THR B 128 23.72 11.43 13.32
N PRO B 129 24.20 10.36 13.96
CA PRO B 129 25.64 10.06 13.95
C PRO B 129 26.10 9.65 12.57
N TYR B 130 27.27 10.13 12.18
CA TYR B 130 27.94 9.67 10.98
C TYR B 130 28.73 8.39 11.29
N HIS B 131 29.41 7.81 10.28
CA HIS B 131 30.25 6.62 10.52
C HIS B 131 31.28 6.81 11.64
N ASP B 132 31.67 8.06 11.97
CA ASP B 132 32.66 8.33 13.02
C ASP B 132 32.03 8.67 14.35
N GLY B 133 30.72 8.45 14.50
CA GLY B 133 30.05 8.71 15.76
C GLY B 133 29.61 10.14 16.00
N THR B 134 30.05 11.11 15.19
CA THR B 134 29.69 12.51 15.44
C THR B 134 28.41 12.90 14.69
N ILE B 135 27.69 13.85 15.30
CA ILE B 135 26.41 14.29 14.73
C ILE B 135 26.67 15.04 13.43
N ASN B 136 25.83 14.78 12.43
CA ASN B 136 25.93 15.47 11.15
C ASN B 136 25.26 16.83 11.20
N TYR B 137 25.93 17.81 10.63
CA TYR B 137 25.40 19.15 10.46
C TYR B 137 25.04 19.34 9.01
N GLY B 138 23.84 19.94 8.77
CA GLY B 138 23.30 20.07 7.44
C GLY B 138 23.77 21.30 6.66
N GLY B 139 22.96 21.69 5.68
CA GLY B 139 23.36 22.68 4.71
C GLY B 139 23.26 24.14 5.14
N LEU B 140 22.70 24.45 6.31
CA LEU B 140 22.63 25.85 6.77
C LEU B 140 23.96 26.21 7.42
N SER B 141 25.02 26.08 6.61
CA SER B 141 26.39 26.27 7.07
C SER B 141 27.27 26.65 5.89
N ASN B 142 28.49 27.11 6.18
CA ASN B 142 29.31 27.67 5.10
C ASN B 142 29.96 26.60 4.22
N GLU B 143 30.36 25.45 4.78
CA GLU B 143 31.01 24.40 4.03
C GLU B 143 30.57 23.07 4.60
N THR B 144 30.64 22.05 3.78
CA THR B 144 30.43 20.71 4.29
C THR B 144 31.44 19.78 3.64
N VAL B 145 31.60 18.60 4.21
CA VAL B 145 32.49 17.59 3.64
C VAL B 145 31.70 16.30 3.55
N VAL B 146 31.70 15.71 2.36
CA VAL B 146 30.84 14.59 2.05
C VAL B 146 31.62 13.50 1.31
N ASN B 147 31.34 12.25 1.64
CA ASN B 147 31.91 11.15 0.86
C ASN B 147 31.46 11.27 -0.61
N GLU B 148 32.40 11.08 -1.53
CA GLU B 148 32.17 11.40 -2.96
C GLU B 148 31.00 10.63 -3.57
N ARG B 149 30.68 9.45 -3.04
CA ARG B 149 29.55 8.71 -3.58
C ARG B 149 28.24 9.48 -3.44
N PHE B 150 28.14 10.35 -2.44
CA PHE B 150 26.94 11.13 -2.21
C PHE B 150 27.08 12.58 -2.66
N VAL B 151 28.01 12.85 -3.59
CA VAL B 151 28.20 14.15 -4.23
C VAL B 151 27.90 13.99 -5.72
N LEU B 152 27.05 14.88 -6.27
CA LEU B 152 26.63 14.88 -7.67
C LEU B 152 27.33 15.98 -8.46
N ARG B 153 27.52 15.79 -9.76
CA ARG B 153 27.99 16.88 -10.59
C ARG B 153 26.79 17.73 -10.99
N PHE B 154 26.85 19.04 -10.71
CA PHE B 154 25.72 19.93 -10.97
C PHE B 154 25.83 20.55 -12.36
N PRO B 155 24.83 20.41 -13.22
CA PRO B 155 24.93 20.94 -14.61
C PRO B 155 25.23 22.42 -14.70
N GLU B 156 26.11 22.80 -15.64
CA GLU B 156 26.42 24.21 -15.80
C GLU B 156 25.16 25.01 -16.18
N LYS B 157 24.30 24.46 -17.03
CA LYS B 157 23.16 25.22 -17.55
C LYS B 157 22.01 25.36 -16.54
N LEU B 158 22.07 24.70 -15.39
CA LEU B 158 21.01 24.76 -14.39
C LEU B 158 21.34 25.86 -13.39
N SER B 159 20.35 26.68 -13.07
CA SER B 159 20.44 27.69 -12.01
C SER B 159 20.77 27.04 -10.66
N PRO B 160 21.86 27.45 -9.98
CA PRO B 160 22.14 26.82 -8.67
C PRO B 160 21.00 27.01 -7.65
N ALA B 161 20.32 28.16 -7.65
CA ALA B 161 19.29 28.37 -6.65
C ALA B 161 17.97 27.70 -7.03
N GLY B 162 17.54 27.82 -8.29
CA GLY B 162 16.30 27.17 -8.72
C GLY B 162 16.41 25.66 -8.79
N GLY B 163 17.63 25.14 -8.92
CA GLY B 163 17.89 23.73 -8.94
C GLY B 163 18.15 23.14 -7.59
N ALA B 164 18.37 23.96 -6.55
CA ALA B 164 18.70 23.37 -5.26
C ALA B 164 17.58 22.47 -4.74
N PRO B 165 16.29 22.82 -4.84
CA PRO B 165 15.24 21.89 -4.35
C PRO B 165 15.13 20.61 -5.16
N LEU B 166 15.85 20.48 -6.27
CA LEU B 166 15.83 19.17 -6.93
C LEU B 166 16.48 18.09 -6.07
N LEU B 167 17.30 18.48 -5.10
CA LEU B 167 18.09 17.48 -4.39
C LEU B 167 17.28 16.71 -3.34
N SER B 168 16.08 17.17 -2.97
CA SER B 168 15.25 16.29 -2.16
C SER B 168 13.82 16.27 -2.71
N ALA B 169 13.16 17.42 -2.82
CA ALA B 169 11.85 17.46 -3.49
C ALA B 169 11.92 16.88 -4.91
N GLY B 170 12.84 17.36 -5.74
CA GLY B 170 12.82 16.94 -7.13
C GLY B 170 13.07 15.45 -7.29
N ILE B 171 14.10 14.94 -6.57
CA ILE B 171 14.51 13.55 -6.71
C ILE B 171 13.41 12.63 -6.17
N THR B 172 12.77 13.03 -5.06
CA THR B 172 11.65 12.25 -4.53
C THR B 172 10.54 12.12 -5.57
N ALA B 173 10.16 13.23 -6.25
CA ALA B 173 9.13 13.18 -7.29
C ALA B 173 9.60 12.37 -8.51
N TYR B 174 10.78 12.67 -9.01
CA TYR B 174 11.32 11.97 -10.18
C TYR B 174 11.38 10.46 -9.96
N SER B 175 11.97 10.01 -8.85
CA SER B 175 12.17 8.59 -8.59
C SER B 175 10.87 7.85 -8.43
N ALA B 176 9.97 8.39 -7.59
CA ALA B 176 8.65 7.80 -7.45
C ALA B 176 8.01 7.58 -8.83
N MET B 177 8.10 8.58 -9.74
CA MET B 177 7.48 8.39 -11.03
C MET B 177 8.28 7.46 -11.92
N ARG B 178 9.58 7.55 -11.93
CA ARG B 178 10.34 6.63 -12.76
C ARG B 178 10.21 5.19 -12.25
N ASN B 179 10.17 5.01 -10.92
CA ASN B 179 10.18 3.66 -10.34
C ASN B 179 8.86 2.92 -10.57
N HIS B 180 7.75 3.63 -10.69
CA HIS B 180 6.44 2.97 -10.80
C HIS B 180 5.78 3.26 -12.14
N GLY B 181 6.56 3.66 -13.13
CA GLY B 181 6.06 3.88 -14.48
C GLY B 181 5.06 5.01 -14.65
N LEU B 182 5.10 6.03 -13.79
CA LEU B 182 4.24 7.20 -13.98
C LEU B 182 4.91 8.27 -14.80
N ASP B 183 5.68 7.87 -15.82
CA ASP B 183 6.42 8.80 -16.66
C ASP B 183 6.12 8.52 -18.15
N LYS B 184 5.00 7.87 -18.42
CA LYS B 184 4.66 7.44 -19.77
C LYS B 184 3.39 8.17 -20.19
N PRO B 185 3.36 8.82 -21.36
CA PRO B 185 2.12 9.45 -21.82
C PRO B 185 1.01 8.42 -21.88
N GLY B 186 -0.20 8.85 -21.56
CA GLY B 186 -1.32 7.93 -21.49
C GLY B 186 -1.75 7.64 -20.07
N ILE B 187 -0.87 7.93 -19.09
CA ILE B 187 -1.16 7.81 -17.67
C ILE B 187 -1.91 9.07 -17.24
N HIS B 188 -2.99 8.91 -16.45
CA HIS B 188 -3.67 10.05 -15.81
C HIS B 188 -3.23 10.11 -14.34
N LEU B 189 -2.41 11.11 -14.01
CA LEU B 189 -1.77 11.20 -12.70
C LEU B 189 -2.45 12.24 -11.83
N GLY B 190 -2.67 11.92 -10.55
CA GLY B 190 -3.11 12.88 -9.56
C GLY B 190 -1.90 13.25 -8.73
N VAL B 191 -1.74 14.54 -8.45
CA VAL B 191 -0.73 15.05 -7.53
C VAL B 191 -1.49 15.71 -6.40
N VAL B 192 -1.39 15.15 -5.19
CA VAL B 192 -2.09 15.70 -4.03
C VAL B 192 -1.16 16.63 -3.28
N GLY B 193 -1.58 17.87 -3.07
CA GLY B 193 -0.79 18.84 -2.36
C GLY B 193 0.06 19.58 -3.36
N LEU B 194 0.00 20.90 -3.36
CA LEU B 194 0.79 21.72 -4.29
C LEU B 194 1.75 22.58 -3.46
N GLY B 195 2.70 21.91 -2.81
CA GLY B 195 3.72 22.58 -2.05
C GLY B 195 5.01 22.35 -2.80
N GLY B 196 6.14 22.35 -2.10
CA GLY B 196 7.42 22.13 -2.76
C GLY B 196 7.49 20.84 -3.55
N LEU B 197 7.21 19.69 -2.91
CA LEU B 197 7.26 18.44 -3.65
C LEU B 197 6.20 18.42 -4.76
N GLY B 198 4.98 18.84 -4.45
CA GLY B 198 3.91 18.76 -5.43
C GLY B 198 4.19 19.54 -6.70
N HIS B 199 4.72 20.77 -6.58
CA HIS B 199 4.87 21.57 -7.78
C HIS B 199 5.99 21.02 -8.67
N LEU B 200 7.02 20.36 -8.09
CA LEU B 200 8.03 19.69 -8.92
C LEU B 200 7.51 18.38 -9.55
N ALA B 201 6.63 17.64 -8.87
CA ALA B 201 5.97 16.51 -9.50
C ALA B 201 5.15 16.93 -10.73
N VAL B 202 4.47 18.07 -10.67
CA VAL B 202 3.72 18.56 -11.83
C VAL B 202 4.66 18.87 -12.98
N LYS B 203 5.75 19.60 -12.72
CA LYS B 203 6.69 19.92 -13.78
C LYS B 203 7.29 18.65 -14.37
N PHE B 204 7.69 17.70 -13.49
CA PHE B 204 8.32 16.48 -14.03
C PHE B 204 7.32 15.70 -14.86
N ALA B 205 6.07 15.62 -14.42
CA ALA B 205 5.06 14.92 -15.20
C ALA B 205 4.76 15.63 -16.54
N LYS B 206 4.60 16.96 -16.53
CA LYS B 206 4.38 17.61 -17.82
C LYS B 206 5.57 17.35 -18.74
N ALA B 207 6.80 17.35 -18.22
CA ALA B 207 7.95 17.09 -19.09
C ALA B 207 8.02 15.63 -19.61
N PHE B 208 7.44 14.66 -18.89
CA PHE B 208 7.32 13.26 -19.30
C PHE B 208 6.17 13.03 -20.27
N GLY B 209 5.31 14.03 -20.46
CA GLY B 209 4.13 13.93 -21.30
C GLY B 209 2.91 13.39 -20.59
N VAL B 210 2.94 13.28 -19.27
CA VAL B 210 1.86 12.68 -18.52
C VAL B 210 0.73 13.68 -18.32
N ARG B 211 -0.51 13.23 -18.43
CA ARG B 211 -1.65 14.09 -18.11
C ARG B 211 -1.77 14.20 -16.58
N VAL B 212 -1.81 15.43 -16.05
CA VAL B 212 -1.71 15.66 -14.60
C VAL B 212 -2.89 16.48 -14.12
N THR B 213 -3.56 16.01 -13.07
CA THR B 213 -4.52 16.80 -12.33
C THR B 213 -3.96 17.14 -10.96
N VAL B 214 -3.96 18.42 -10.61
CA VAL B 214 -3.60 18.83 -9.25
C VAL B 214 -4.82 18.69 -8.35
N ILE B 215 -4.66 18.03 -7.22
CA ILE B 215 -5.70 17.83 -6.22
C ILE B 215 -5.31 18.69 -5.03
N SER B 216 -6.18 19.59 -4.62
CA SER B 216 -5.76 20.62 -3.70
C SER B 216 -6.93 21.01 -2.80
N THR B 217 -6.58 21.52 -1.63
CA THR B 217 -7.54 22.14 -0.71
C THR B 217 -7.53 23.67 -0.82
N THR B 218 -6.71 24.23 -1.70
CA THR B 218 -6.57 25.68 -1.82
C THR B 218 -6.96 26.10 -3.22
N PRO B 219 -8.22 26.48 -3.45
CA PRO B 219 -8.64 26.92 -4.79
C PRO B 219 -7.84 28.09 -5.34
N SER B 220 -7.31 28.93 -4.47
CA SER B 220 -6.51 30.05 -4.94
C SER B 220 -5.30 29.60 -5.77
N LYS B 221 -4.94 28.29 -5.71
CA LYS B 221 -3.78 27.79 -6.43
C LYS B 221 -4.13 27.36 -7.86
N LYS B 222 -5.42 27.37 -8.24
CA LYS B 222 -5.82 26.93 -9.59
C LYS B 222 -5.08 27.68 -10.70
N ASP B 223 -4.93 29.02 -10.60
CA ASP B 223 -4.32 29.76 -11.72
C ASP B 223 -2.84 29.39 -11.88
N GLU B 224 -2.08 29.39 -10.77
CA GLU B 224 -0.70 28.91 -10.80
C GLU B 224 -0.60 27.45 -11.29
N ALA B 225 -1.48 26.56 -10.83
CA ALA B 225 -1.43 25.14 -11.24
C ALA B 225 -1.64 24.99 -12.74
N ILE B 226 -2.62 25.70 -13.31
CA ILE B 226 -2.90 25.59 -14.75
C ILE B 226 -1.95 26.47 -15.56
N ASN B 227 -1.81 27.77 -15.19
CA ASN B 227 -1.10 28.69 -16.09
C ASN B 227 0.42 28.65 -15.92
N ASN B 228 0.94 28.66 -14.70
CA ASN B 228 2.39 28.66 -14.51
C ASN B 228 3.00 27.25 -14.55
N LEU B 229 2.40 26.27 -13.85
CA LEU B 229 3.00 24.93 -13.75
C LEU B 229 2.62 24.01 -14.89
N GLY B 230 1.47 24.23 -15.52
CA GLY B 230 1.09 23.47 -16.67
C GLY B 230 0.20 22.29 -16.40
N ALA B 231 -0.46 22.26 -15.25
CA ALA B 231 -1.37 21.18 -14.93
C ALA B 231 -2.48 21.13 -15.99
N ASP B 232 -2.92 19.91 -16.32
CA ASP B 232 -4.01 19.72 -17.27
C ASP B 232 -5.37 19.99 -16.63
N ALA B 233 -5.47 19.87 -15.32
CA ALA B 233 -6.74 20.12 -14.62
C ALA B 233 -6.45 20.34 -13.15
N PHE B 234 -7.44 20.91 -12.47
CA PHE B 234 -7.37 21.25 -11.06
C PHE B 234 -8.63 20.73 -10.42
N LEU B 235 -8.47 19.94 -9.37
CA LEU B 235 -9.59 19.31 -8.69
C LEU B 235 -9.61 19.84 -7.27
N PHE B 236 -10.66 20.59 -6.94
CA PHE B 236 -10.81 21.13 -5.60
C PHE B 236 -11.28 20.00 -4.69
N SER B 237 -10.45 19.67 -3.73
CA SER B 237 -10.66 18.48 -2.92
C SER B 237 -11.92 18.57 -2.03
N ARG B 238 -12.33 19.78 -1.64
CA ARG B 238 -13.47 19.91 -0.72
C ARG B 238 -14.80 20.02 -1.45
N ASP B 239 -14.80 20.00 -2.79
CA ASP B 239 -16.02 20.09 -3.60
C ASP B 239 -16.53 18.69 -3.94
N ASP B 240 -17.54 18.23 -3.19
CA ASP B 240 -18.04 16.86 -3.35
C ASP B 240 -18.55 16.58 -4.75
N LYS B 241 -19.16 17.55 -5.43
CA LYS B 241 -19.56 17.27 -6.81
C LYS B 241 -18.34 16.89 -7.63
N GLN B 242 -17.28 17.71 -7.54
CA GLN B 242 -16.06 17.44 -8.28
C GLN B 242 -15.42 16.10 -7.91
N MET B 243 -15.28 15.82 -6.61
CA MET B 243 -14.65 14.57 -6.16
C MET B 243 -15.41 13.36 -6.69
N ARG B 244 -16.75 13.40 -6.59
CA ARG B 244 -17.60 12.32 -7.07
C ARG B 244 -17.52 12.21 -8.59
N ALA B 245 -17.33 13.33 -9.29
CA ALA B 245 -17.25 13.25 -10.74
C ALA B 245 -15.94 12.66 -11.22
N ALA B 246 -14.92 12.55 -10.37
CA ALA B 246 -13.63 11.99 -10.75
C ALA B 246 -13.42 10.53 -10.29
N ILE B 247 -14.43 9.90 -9.65
CA ILE B 247 -14.27 8.54 -9.10
C ILE B 247 -13.78 7.57 -10.16
N GLY B 248 -12.78 6.78 -9.82
CA GLY B 248 -12.31 5.80 -10.77
C GLY B 248 -11.60 6.35 -11.99
N THR B 249 -11.23 7.64 -12.02
CA THR B 249 -10.64 8.24 -13.22
C THR B 249 -9.11 8.31 -13.19
N PHE B 250 -8.45 8.00 -12.06
CA PHE B 250 -7.00 8.14 -11.96
C PHE B 250 -6.31 6.80 -12.05
N ASP B 251 -5.22 6.77 -12.80
CA ASP B 251 -4.35 5.61 -12.86
C ASP B 251 -3.44 5.55 -11.65
N ALA B 252 -2.94 6.70 -11.21
CA ALA B 252 -2.07 6.78 -10.04
C ALA B 252 -2.23 8.15 -9.41
N ILE B 253 -1.96 8.23 -8.13
CA ILE B 253 -1.95 9.50 -7.41
C ILE B 253 -0.66 9.56 -6.58
N ILE B 254 0.11 10.64 -6.75
CA ILE B 254 1.27 10.92 -5.90
C ILE B 254 0.80 11.85 -4.79
N ASP B 255 0.86 11.35 -3.56
CA ASP B 255 0.40 12.08 -2.39
C ASP B 255 1.61 12.75 -1.72
N THR B 256 1.64 14.08 -1.73
CA THR B 256 2.83 14.81 -1.30
C THR B 256 2.66 15.52 0.03
N LEU B 257 1.50 15.41 0.65
CA LEU B 257 1.17 16.22 1.82
C LEU B 257 2.04 15.84 3.01
N ALA B 258 2.33 16.85 3.84
CA ALA B 258 3.09 16.69 5.09
C ALA B 258 2.19 16.73 6.35
N VAL B 259 0.86 16.75 6.17
CA VAL B 259 -0.13 16.80 7.26
C VAL B 259 -1.07 15.60 7.12
N VAL B 260 -1.79 15.28 8.20
CA VAL B 260 -2.72 14.15 8.17
C VAL B 260 -3.94 14.50 7.34
N HIS B 261 -4.47 13.52 6.61
CA HIS B 261 -5.57 13.74 5.67
C HIS B 261 -6.25 12.40 5.41
N PRO B 262 -7.50 12.42 4.95
CA PRO B 262 -8.23 11.16 4.72
C PRO B 262 -7.73 10.46 3.45
N ILE B 263 -7.58 9.14 3.54
CA ILE B 263 -6.93 8.38 2.48
C ILE B 263 -8.00 7.80 1.56
N ALA B 264 -9.19 7.52 2.11
CA ALA B 264 -10.21 6.80 1.34
C ALA B 264 -10.70 7.61 0.13
N PRO B 265 -11.04 8.90 0.25
CA PRO B 265 -11.34 9.66 -0.99
C PRO B 265 -10.27 9.53 -2.06
N LEU B 266 -8.99 9.51 -1.71
CA LEU B 266 -7.98 9.32 -2.75
C LEU B 266 -8.08 7.93 -3.37
N LEU B 267 -8.36 6.91 -2.58
CA LEU B 267 -8.45 5.59 -3.18
C LEU B 267 -9.65 5.48 -4.10
N ASP B 268 -10.76 6.17 -3.77
CA ASP B 268 -11.91 6.19 -4.69
C ASP B 268 -11.61 6.88 -6.00
N LEU B 269 -10.68 7.86 -6.01
CA LEU B 269 -10.29 8.48 -7.27
C LEU B 269 -9.54 7.50 -8.18
N LEU B 270 -8.99 6.43 -7.63
CA LEU B 270 -8.21 5.50 -8.44
C LEU B 270 -9.13 4.50 -9.17
N ARG B 271 -8.78 4.18 -10.40
CA ARG B 271 -9.35 3.00 -11.03
C ARG B 271 -8.86 1.73 -10.30
N SER B 272 -9.49 0.60 -10.62
CA SER B 272 -9.08 -0.67 -10.02
C SER B 272 -7.62 -0.93 -10.36
N HIS B 273 -6.87 -1.46 -9.37
CA HIS B 273 -5.43 -1.72 -9.49
C HIS B 273 -4.59 -0.45 -9.53
N GLY B 274 -5.20 0.72 -9.34
CA GLY B 274 -4.42 1.94 -9.32
C GLY B 274 -3.49 2.01 -8.14
N LYS B 275 -2.52 2.91 -8.24
CA LYS B 275 -1.47 3.06 -7.25
C LYS B 275 -1.59 4.42 -6.57
N LEU B 276 -1.49 4.43 -5.25
CA LEU B 276 -1.36 5.65 -4.47
C LEU B 276 0.08 5.68 -3.90
N VAL B 277 0.91 6.55 -4.44
CA VAL B 277 2.32 6.62 -4.08
C VAL B 277 2.51 7.72 -3.05
N LEU B 278 2.99 7.32 -1.86
CA LEU B 278 3.15 8.19 -0.70
C LEU B 278 4.59 8.67 -0.61
N VAL B 279 4.80 9.97 -0.83
CA VAL B 279 6.11 10.56 -0.69
C VAL B 279 6.18 11.61 0.41
N GLY B 280 5.08 12.25 0.82
CA GLY B 280 5.10 13.05 2.02
C GLY B 280 5.10 12.17 3.27
N ALA B 281 5.63 12.74 4.35
CA ALA B 281 5.73 12.05 5.63
C ALA B 281 5.03 12.86 6.71
N PRO B 282 3.70 12.77 6.80
CA PRO B 282 3.00 13.39 7.92
C PRO B 282 3.56 12.88 9.23
N SER B 283 3.60 13.77 10.24
CA SER B 283 4.20 13.43 11.52
C SER B 283 3.23 12.69 12.45
N LYS B 284 1.95 12.70 12.15
CA LYS B 284 0.94 12.00 12.91
C LYS B 284 0.45 10.85 12.04
N PRO B 285 -0.14 9.82 12.63
CA PRO B 285 -0.43 8.62 11.85
C PRO B 285 -1.60 8.81 10.90
N LEU B 286 -1.60 8.03 9.81
CA LEU B 286 -2.66 8.05 8.81
C LEU B 286 -3.50 6.79 8.97
N GLU B 287 -4.74 6.87 8.52
CA GLU B 287 -5.67 5.75 8.63
C GLU B 287 -5.79 5.02 7.30
N LEU B 288 -5.79 3.69 7.34
CA LEU B 288 -5.77 2.88 6.13
C LEU B 288 -7.16 2.32 5.85
N PRO B 289 -7.90 2.86 4.87
CA PRO B 289 -9.22 2.29 4.57
C PRO B 289 -9.13 0.99 3.79
N THR B 290 -9.28 -0.15 4.48
CA THR B 290 -9.05 -1.46 3.86
C THR B 290 -10.09 -1.77 2.81
N ILE B 291 -11.36 -1.52 3.11
CA ILE B 291 -12.46 -1.89 2.20
C ILE B 291 -12.20 -1.32 0.79
N PRO B 292 -11.95 -0.01 0.62
CA PRO B 292 -11.57 0.48 -0.71
C PRO B 292 -10.28 -0.13 -1.21
N LEU B 293 -9.29 -0.29 -0.36
CA LEU B 293 -8.06 -0.94 -0.80
C LEU B 293 -8.35 -2.35 -1.32
N LEU B 294 -9.12 -3.13 -0.55
CA LEU B 294 -9.42 -4.50 -0.91
C LEU B 294 -10.31 -4.55 -2.13
N SER B 295 -11.33 -3.68 -2.16
CA SER B 295 -12.33 -3.68 -3.21
C SER B 295 -11.73 -3.36 -4.56
N GLY B 296 -10.81 -2.41 -4.61
CA GLY B 296 -10.22 -2.04 -5.88
C GLY B 296 -9.01 -2.81 -6.29
N GLY B 297 -8.50 -3.65 -5.41
CA GLY B 297 -7.21 -4.27 -5.68
C GLY B 297 -6.13 -3.23 -5.86
N LYS B 298 -6.12 -2.23 -4.98
CA LYS B 298 -5.34 -1.01 -5.04
C LYS B 298 -4.10 -1.12 -4.14
N SER B 299 -3.13 -0.24 -4.38
CA SER B 299 -1.81 -0.28 -3.77
C SER B 299 -1.47 1.03 -3.06
N LEU B 300 -0.89 0.91 -1.87
CA LEU B 300 -0.23 1.99 -1.12
C LEU B 300 1.26 1.75 -1.16
N ILE B 301 2.01 2.59 -1.87
CA ILE B 301 3.44 2.40 -2.07
C ILE B 301 4.18 3.58 -1.48
N GLY B 302 5.14 3.28 -0.61
CA GLY B 302 6.02 4.29 -0.04
C GLY B 302 7.28 4.42 -0.87
N SER B 303 7.81 5.65 -0.89
CA SER B 303 9.02 5.94 -1.65
C SER B 303 9.81 7.07 -0.98
N ALA B 304 11.14 7.01 -1.05
CA ALA B 304 11.98 7.99 -0.35
C ALA B 304 13.18 8.37 -1.21
N ALA B 305 13.35 9.67 -1.47
CA ALA B 305 14.45 10.19 -2.26
C ALA B 305 14.62 9.32 -3.50
N GLY B 306 15.87 9.07 -3.89
CA GLY B 306 16.27 8.24 -5.02
C GLY B 306 17.72 7.86 -4.81
N ASN B 307 18.20 6.89 -5.59
CA ASN B 307 19.61 6.58 -5.40
C ASN B 307 20.47 7.62 -6.11
N VAL B 308 21.77 7.60 -5.82
CA VAL B 308 22.62 8.67 -6.33
C VAL B 308 22.82 8.57 -7.85
N LYS B 309 22.88 7.37 -8.42
CA LYS B 309 22.90 7.32 -9.89
C LYS B 309 21.64 7.92 -10.48
N GLN B 310 20.47 7.61 -9.89
CA GLN B 310 19.20 8.22 -10.30
C GLN B 310 19.20 9.74 -10.06
N THR B 311 19.86 10.21 -8.99
CA THR B 311 19.90 11.65 -8.72
C THR B 311 20.69 12.39 -9.78
N GLN B 312 21.82 11.81 -10.18
CA GLN B 312 22.58 12.36 -11.29
C GLN B 312 21.75 12.39 -12.55
N GLU B 313 21.03 11.31 -12.82
CA GLU B 313 20.22 11.25 -14.03
C GLU B 313 19.12 12.30 -13.99
N MET B 314 18.48 12.45 -12.83
CA MET B 314 17.45 13.47 -12.64
C MET B 314 17.99 14.86 -12.93
N LEU B 315 19.24 15.12 -12.49
CA LEU B 315 19.84 16.44 -12.70
C LEU B 315 20.09 16.73 -14.17
N ASP B 316 20.59 15.74 -14.92
CA ASP B 316 20.85 16.01 -16.34
C ASP B 316 19.53 16.15 -17.11
N PHE B 317 18.49 15.39 -16.72
CA PHE B 317 17.16 15.59 -17.27
C PHE B 317 16.64 17.00 -16.99
N ALA B 318 16.84 17.49 -15.76
CA ALA B 318 16.32 18.80 -15.42
C ALA B 318 17.04 19.89 -16.19
N ALA B 319 18.33 19.69 -16.48
CA ALA B 319 19.08 20.68 -17.28
C ALA B 319 18.62 20.67 -18.74
N GLU B 320 18.45 19.48 -19.32
CA GLU B 320 18.06 19.44 -20.73
C GLU B 320 16.63 19.92 -20.96
N HIS B 321 15.73 19.79 -19.97
CA HIS B 321 14.32 20.19 -20.09
C HIS B 321 13.97 21.45 -19.30
N ASP B 322 14.97 22.20 -18.83
CA ASP B 322 14.77 23.44 -18.06
C ASP B 322 13.73 23.31 -16.92
N ILE B 323 13.91 22.32 -16.05
CA ILE B 323 13.05 22.14 -14.89
C ILE B 323 13.74 22.73 -13.66
N THR B 324 13.14 23.75 -13.07
CA THR B 324 13.63 24.27 -11.81
C THR B 324 12.44 24.52 -10.90
N ALA B 325 12.73 24.72 -9.60
CA ALA B 325 11.71 25.06 -8.61
C ALA B 325 11.30 26.54 -8.75
N ASN B 326 10.08 26.86 -8.35
CA ASN B 326 9.71 28.29 -8.20
C ASN B 326 10.09 28.69 -6.78
N ILE B 327 11.07 29.59 -6.65
CA ILE B 327 11.72 29.85 -5.39
C ILE B 327 11.61 31.33 -4.96
N GLU B 328 11.70 31.55 -3.67
CA GLU B 328 12.06 32.83 -3.10
C GLU B 328 13.41 32.66 -2.42
N VAL B 329 14.43 33.42 -2.89
CA VAL B 329 15.78 33.36 -2.32
C VAL B 329 15.83 34.22 -1.07
N ILE B 330 16.30 33.65 0.04
CA ILE B 330 16.22 34.43 1.27
C ILE B 330 17.59 34.51 1.91
N PRO B 331 17.85 35.56 2.71
CA PRO B 331 19.05 35.54 3.54
C PRO B 331 18.88 34.60 4.72
N ILE B 332 20.02 34.12 5.26
CA ILE B 332 19.95 33.09 6.30
C ILE B 332 19.23 33.61 7.55
N ASP B 333 19.45 34.89 7.91
CA ASP B 333 18.85 35.37 9.17
C ASP B 333 17.35 35.64 9.05
N TYR B 334 16.74 35.42 7.88
CA TYR B 334 15.28 35.36 7.73
C TYR B 334 14.70 33.94 8.00
N ILE B 335 15.54 32.94 8.30
CA ILE B 335 15.07 31.54 8.31
C ILE B 335 13.92 31.33 9.30
N ASN B 336 13.91 32.02 10.43
CA ASN B 336 12.81 31.80 11.39
C ASN B 336 11.49 32.34 10.83
N THR B 337 11.52 33.45 10.09
CA THR B 337 10.28 33.92 9.48
C THR B 337 9.86 33.00 8.34
N ALA B 338 10.82 32.52 7.57
CA ALA B 338 10.52 31.59 6.48
C ALA B 338 9.87 30.33 7.04
N MET B 339 10.38 29.84 8.17
CA MET B 339 9.77 28.66 8.83
C MET B 339 8.30 28.92 9.14
N GLU B 340 7.97 30.12 9.68
CA GLU B 340 6.57 30.50 9.94
C GLU B 340 5.74 30.50 8.66
N ARG B 341 6.26 31.14 7.59
CA ARG B 341 5.54 31.17 6.32
C ARG B 341 5.39 29.75 5.78
N LEU B 342 6.41 28.91 5.96
CA LEU B 342 6.32 27.54 5.48
C LEU B 342 5.24 26.77 6.25
N ASP B 343 5.13 27.01 7.56
CA ASP B 343 4.10 26.37 8.37
C ASP B 343 2.70 26.69 7.87
N LYS B 344 2.45 27.94 7.44
CA LYS B 344 1.14 28.36 6.95
C LYS B 344 0.94 28.12 5.45
N GLY B 345 1.92 27.56 4.74
CA GLY B 345 1.75 27.46 3.30
C GLY B 345 1.87 28.75 2.53
N ASP B 346 2.39 29.82 3.14
CA ASP B 346 2.52 31.13 2.50
C ASP B 346 3.81 31.24 1.68
N ILE B 347 4.00 30.34 0.71
CA ILE B 347 5.19 30.39 -0.16
C ILE B 347 4.87 29.62 -1.43
N ARG B 348 5.33 30.13 -2.57
CA ARG B 348 5.01 29.63 -3.90
C ARG B 348 6.28 29.43 -4.74
N PHE B 349 7.02 28.32 -4.56
CA PHE B 349 6.66 27.15 -3.73
C PHE B 349 7.82 26.66 -2.85
N ARG B 350 9.00 27.32 -2.91
CA ARG B 350 10.23 26.93 -2.23
C ARG B 350 11.05 28.13 -1.76
N PHE B 351 11.47 28.09 -0.50
CA PHE B 351 12.52 28.97 0.01
C PHE B 351 13.87 28.31 -0.25
N VAL B 352 14.83 29.13 -0.67
CA VAL B 352 16.20 28.71 -0.88
C VAL B 352 17.07 29.74 -0.17
N VAL B 353 17.96 29.29 0.71
CA VAL B 353 18.81 30.20 1.45
C VAL B 353 20.08 30.50 0.66
N ASP B 354 20.37 31.78 0.47
CA ASP B 354 21.61 32.23 -0.16
C ASP B 354 22.73 32.21 0.89
N ILE B 355 23.45 31.10 0.95
CA ILE B 355 24.45 30.92 2.01
C ILE B 355 25.68 31.77 1.73
N GLU B 356 26.18 31.74 0.50
CA GLU B 356 27.47 32.37 0.24
C GLU B 356 27.45 33.87 0.50
N ASN B 357 26.37 34.55 0.13
CA ASN B 357 26.33 36.00 0.26
C ASN B 357 25.70 36.49 1.55
N THR B 358 25.04 35.65 2.34
CA THR B 358 24.36 36.21 3.51
C THR B 358 24.70 35.57 4.83
N LEU B 359 25.49 34.49 4.82
CA LEU B 359 25.92 33.87 6.07
C LEU B 359 27.25 34.47 6.47
N THR B 360 27.39 34.87 7.72
CA THR B 360 28.67 35.32 8.24
C THR B 360 28.95 34.65 9.58
N PRO B 361 30.21 34.70 10.05
CA PRO B 361 30.52 34.06 11.35
C PRO B 361 29.77 34.71 12.47
N PRO B 362 29.45 33.96 13.53
CA PRO B 362 28.76 34.58 14.68
C PRO B 362 29.59 35.64 15.29
N PRO B 363 28.96 36.67 15.99
CA PRO B 363 29.42 37.72 16.91
C PRO B 363 30.82 38.26 16.65
#